data_8V1Y
#
_entry.id   8V1Y
#
_cell.length_a   1.00
_cell.length_b   1.00
_cell.length_c   1.00
_cell.angle_alpha   90.00
_cell.angle_beta   90.00
_cell.angle_gamma   90.00
#
_symmetry.space_group_name_H-M   'P 1'
#
loop_
_entity.id
_entity.type
_entity.pdbx_description
1 polymer 'Glutamine synthetase'
2 polymer 'Purine nucleoside phosphoramidase'
3 non-polymer 'ADENOSINE MONOPHOSPHATE'
#
loop_
_entity_poly.entity_id
_entity_poly.type
_entity_poly.pdbx_seq_one_letter_code
_entity_poly.pdbx_strand_id
1 'polypeptide(L)'
;SEFELMSAEHVLTMLNEHEVKFVDLRFTDTKGKEQHVTIPAHQVNAEFFEEGKMFDGSSIGGWKGINESDMVLMPDASTA
VIDPFFADSTLIIRCDILEPGTLQGYDRDPRSIAKRAEDYLRSTGIADTVLFGPEPEFFLFDDIRFGSSISGSHVAIDDI
EGAWNSSTQYEGGNKGHRPAVKGGYFPVPPVDSAQDIRSEMCLVMEQMGLVVEAHHHEVATAGQNEVATRFNTMTKKADE
IQIYKYVVHNVAHRFGKTATFMPKPMFGDNGSGMHCHMSLSKNGVNLFAGDKYAGLSEQALYYIGGVIKHAKAINALANP
TTNSYKRLVPGYEAPVMLAYSARNRSASIRIPVVSSPKARRIEVRFPDPAANPYLCFAALLMAGLDGIKNKIHPGEAMDK
NLYDLPPEEAKEIPQVAGSLEEALNELDLDREFLKAGGVFTDEAIDAYIALRREEDDRVRMTPHPVEFELYYSV
;
A,B
2 'polypeptide(L)'
;GAMGSMAEETIFSKIIRREIPSDIVYQDDLVTAFRDISPQAPTHILIIPNILIPTVNDVSAEHEQALGRMITVAAKIAEQ
EGIAEDGYRLIMNTNRHGGQEVYHINMHLLGGRPLGPMLAHKGL
;
C,D
#
loop_
_chem_comp.id
_chem_comp.type
_chem_comp.name
_chem_comp.formula
AMP non-polymer 'ADENOSINE MONOPHOSPHATE' 'C10 H14 N5 O7 P'
#
# COMPACT_ATOMS: atom_id res chain seq x y z
N MET A 6 -44.75 32.44 8.82
CA MET A 6 -46.13 32.55 8.35
C MET A 6 -47.11 32.13 9.43
N SER A 7 -48.40 32.18 9.10
CA SER A 7 -49.46 31.79 10.02
C SER A 7 -50.56 31.09 9.22
N ALA A 8 -51.61 30.68 9.93
CA ALA A 8 -52.72 30.00 9.26
C ALA A 8 -53.41 30.92 8.26
N GLU A 9 -53.62 32.19 8.63
CA GLU A 9 -54.22 33.14 7.71
C GLU A 9 -53.32 33.37 6.50
N HIS A 10 -52.01 33.44 6.73
CA HIS A 10 -51.07 33.59 5.62
C HIS A 10 -51.13 32.40 4.67
N VAL A 11 -51.23 31.19 5.21
CA VAL A 11 -51.35 30.01 4.36
C VAL A 11 -52.66 30.03 3.58
N LEU A 12 -53.76 30.44 4.23
CA LEU A 12 -55.03 30.51 3.54
C LEU A 12 -55.00 31.52 2.40
N THR A 13 -54.36 32.67 2.63
CA THR A 13 -54.21 33.65 1.56
C THR A 13 -53.31 33.14 0.45
N MET A 14 -52.23 32.43 0.82
CA MET A 14 -51.32 31.87 -0.17
C MET A 14 -52.01 30.83 -1.03
N LEU A 15 -53.00 30.13 -0.48
CA LEU A 15 -53.75 29.15 -1.26
C LEU A 15 -54.45 29.82 -2.44
N ASN A 16 -55.07 30.98 -2.20
CA ASN A 16 -55.73 31.71 -3.28
C ASN A 16 -54.75 32.44 -4.17
N GLU A 17 -53.64 32.93 -3.61
CA GLU A 17 -52.69 33.71 -4.39
C GLU A 17 -52.03 32.87 -5.48
N HIS A 18 -51.65 31.65 -5.17
CA HIS A 18 -50.97 30.77 -6.10
C HIS A 18 -51.92 29.81 -6.81
N GLU A 19 -53.23 29.93 -6.58
CA GLU A 19 -54.22 29.03 -7.16
C GLU A 19 -53.91 27.57 -6.83
N VAL A 20 -53.63 27.32 -5.55
CA VAL A 20 -53.21 26.00 -5.10
C VAL A 20 -54.39 25.03 -5.18
N LYS A 21 -54.12 23.84 -5.70
CA LYS A 21 -55.14 22.80 -5.85
C LYS A 21 -55.03 21.71 -4.79
N PHE A 22 -53.82 21.35 -4.38
CA PHE A 22 -53.60 20.30 -3.40
C PHE A 22 -52.65 20.79 -2.32
N VAL A 23 -52.82 20.25 -1.11
CA VAL A 23 -51.96 20.56 0.03
C VAL A 23 -51.31 19.26 0.47
N ASP A 24 -49.98 19.24 0.49
CA ASP A 24 -49.21 18.05 0.84
C ASP A 24 -48.73 18.18 2.29
N LEU A 25 -49.11 17.21 3.12
CA LEU A 25 -48.68 17.15 4.51
C LEU A 25 -47.53 16.18 4.63
N ARG A 26 -46.38 16.67 5.10
CA ARG A 26 -45.15 15.89 5.10
C ARG A 26 -44.61 15.74 6.52
N PHE A 27 -44.04 14.57 6.79
CA PHE A 27 -43.43 14.28 8.09
C PHE A 27 -42.34 13.23 7.87
N THR A 28 -41.47 13.10 8.88
CA THR A 28 -40.31 12.23 8.81
C THR A 28 -40.46 11.10 9.82
N ASP A 29 -40.18 9.88 9.40
CA ASP A 29 -40.24 8.71 10.26
C ASP A 29 -38.91 8.55 10.99
N THR A 30 -38.77 7.45 11.74
CA THR A 30 -37.54 7.22 12.50
C THR A 30 -36.36 6.94 11.58
N LYS A 31 -36.59 6.26 10.46
CA LYS A 31 -35.51 5.97 9.52
C LYS A 31 -34.94 7.22 8.86
N GLY A 32 -35.67 8.32 8.89
CA GLY A 32 -35.26 9.54 8.24
C GLY A 32 -35.96 9.83 6.92
N LYS A 33 -36.69 8.87 6.37
CA LYS A 33 -37.42 9.09 5.14
C LYS A 33 -38.59 10.03 5.36
N GLU A 34 -38.93 10.80 4.33
CA GLU A 34 -40.00 11.77 4.39
C GLU A 34 -41.27 11.15 3.81
N GLN A 35 -42.33 11.12 4.61
CA GLN A 35 -43.63 10.61 4.18
C GLN A 35 -44.56 11.79 3.93
N HIS A 36 -45.49 11.59 2.99
CA HIS A 36 -46.38 12.66 2.59
C HIS A 36 -47.78 12.13 2.30
N VAL A 37 -48.79 12.91 2.66
CA VAL A 37 -50.18 12.63 2.36
C VAL A 37 -50.80 13.89 1.77
N THR A 38 -51.45 13.75 0.62
CA THR A 38 -51.99 14.90 -0.10
C THR A 38 -53.49 15.02 0.14
N ILE A 39 -53.94 16.26 0.38
CA ILE A 39 -55.35 16.55 0.56
C ILE A 39 -55.74 17.69 -0.38
N PRO A 40 -56.99 17.78 -0.80
CA PRO A 40 -57.40 18.90 -1.65
C PRO A 40 -57.32 20.23 -0.94
N ALA A 41 -57.12 21.29 -1.72
CA ALA A 41 -56.99 22.63 -1.14
C ALA A 41 -58.26 23.06 -0.44
N HIS A 42 -59.43 22.68 -0.98
CA HIS A 42 -60.70 23.05 -0.36
C HIS A 42 -60.91 22.37 0.98
N GLN A 43 -60.13 21.34 1.29
CA GLN A 43 -60.24 20.67 2.58
C GLN A 43 -59.46 21.38 3.69
N VAL A 44 -58.70 22.41 3.36
CA VAL A 44 -57.92 23.16 4.33
C VAL A 44 -58.76 24.32 4.83
N ASN A 45 -59.00 24.37 6.14
CA ASN A 45 -59.81 25.40 6.77
C ASN A 45 -59.07 25.93 8.00
N ALA A 46 -59.72 26.84 8.71
CA ALA A 46 -59.16 27.33 9.96
C ALA A 46 -59.08 26.23 11.01
N GLU A 47 -60.10 25.36 11.05
CA GLU A 47 -60.09 24.25 11.99
C GLU A 47 -59.08 23.17 11.61
N PHE A 48 -58.60 23.17 10.37
CA PHE A 48 -57.59 22.20 9.97
C PHE A 48 -56.29 22.42 10.72
N PHE A 49 -55.90 23.69 10.92
CA PHE A 49 -54.68 23.99 11.64
C PHE A 49 -54.83 23.83 13.15
N GLU A 50 -56.05 23.74 13.66
CA GLU A 50 -56.29 23.57 15.08
C GLU A 50 -56.56 22.13 15.48
N GLU A 51 -57.08 21.31 14.58
CA GLU A 51 -57.38 19.91 14.87
C GLU A 51 -56.49 18.92 14.15
N GLY A 52 -55.99 19.27 12.95
CA GLY A 52 -55.16 18.37 12.20
C GLY A 52 -55.95 17.30 11.50
N LYS A 53 -55.22 16.35 10.91
CA LYS A 53 -55.80 15.23 10.18
C LYS A 53 -55.39 13.93 10.85
N MET A 54 -56.37 13.06 11.09
CA MET A 54 -56.11 11.75 11.66
C MET A 54 -55.53 10.82 10.61
N PHE A 55 -54.56 10.01 11.02
CA PHE A 55 -53.95 9.03 10.13
C PHE A 55 -53.44 7.86 10.94
N ASP A 56 -53.22 6.74 10.27
CA ASP A 56 -52.77 5.51 10.90
C ASP A 56 -51.26 5.37 10.70
N GLY A 57 -50.53 5.27 11.81
CA GLY A 57 -49.10 5.09 11.79
C GLY A 57 -48.62 3.66 11.94
N SER A 58 -49.52 2.67 11.86
CA SER A 58 -49.11 1.28 12.01
C SER A 58 -48.18 0.86 10.87
N SER A 59 -48.48 1.28 9.64
CA SER A 59 -47.64 0.93 8.50
C SER A 59 -46.28 1.59 8.56
N ILE A 60 -46.15 2.71 9.27
CA ILE A 60 -44.86 3.37 9.40
C ILE A 60 -43.96 2.54 10.31
N GLY A 61 -42.74 2.29 9.86
CA GLY A 61 -41.80 1.47 10.60
C GLY A 61 -41.43 2.04 11.96
N GLY A 62 -41.55 1.21 13.00
CA GLY A 62 -41.18 1.59 14.34
C GLY A 62 -42.24 2.34 15.11
N TRP A 63 -43.40 2.60 14.53
CA TRP A 63 -44.48 3.32 15.19
C TRP A 63 -45.63 2.43 15.62
N LYS A 64 -45.43 1.11 15.60
CA LYS A 64 -46.47 0.18 16.01
C LYS A 64 -46.72 0.25 17.51
N ASN A 67 -52.05 -0.73 20.91
CA ASN A 67 -53.01 -1.55 20.15
C ASN A 67 -53.59 -0.75 18.99
N GLU A 68 -53.96 0.50 19.25
CA GLU A 68 -54.53 1.38 18.25
C GLU A 68 -53.57 2.54 18.00
N SER A 69 -53.27 2.77 16.73
CA SER A 69 -52.25 3.74 16.33
C SER A 69 -52.85 4.92 15.56
N ASP A 70 -54.00 5.40 16.00
CA ASP A 70 -54.59 6.60 15.40
C ASP A 70 -53.87 7.83 15.95
N MET A 71 -53.27 8.62 15.05
CA MET A 71 -52.49 9.78 15.43
C MET A 71 -52.91 10.98 14.59
N VAL A 72 -52.50 12.16 15.05
CA VAL A 72 -52.94 13.43 14.48
C VAL A 72 -51.78 14.06 13.72
N LEU A 73 -52.04 14.47 12.48
CA LEU A 73 -51.07 15.23 11.69
C LEU A 73 -51.37 16.71 11.88
N MET A 74 -50.56 17.38 12.71
CA MET A 74 -50.78 18.79 13.00
C MET A 74 -49.90 19.63 12.10
N PRO A 75 -50.47 20.38 11.15
CA PRO A 75 -49.63 21.17 10.24
C PRO A 75 -48.94 22.31 10.94
N ASP A 76 -47.76 22.66 10.43
CA ASP A 76 -47.00 23.83 10.86
C ASP A 76 -47.09 24.87 9.75
N ALA A 77 -47.83 25.95 10.02
CA ALA A 77 -48.07 26.96 8.98
C ALA A 77 -46.80 27.70 8.57
N SER A 78 -45.76 27.68 9.41
CA SER A 78 -44.53 28.37 9.08
C SER A 78 -43.72 27.67 8.00
N THR A 79 -44.10 26.45 7.62
CA THR A 79 -43.35 25.66 6.65
C THR A 79 -44.08 25.53 5.32
N ALA A 80 -44.97 26.46 5.01
CA ALA A 80 -45.72 26.40 3.75
C ALA A 80 -44.81 26.76 2.58
N VAL A 81 -44.58 25.79 1.71
CA VAL A 81 -43.72 25.99 0.54
C VAL A 81 -44.39 25.35 -0.68
N ILE A 82 -44.37 26.07 -1.80
CA ILE A 82 -44.95 25.57 -3.04
C ILE A 82 -44.04 24.50 -3.62
N ASP A 83 -44.62 23.37 -4.00
CA ASP A 83 -43.86 22.27 -4.59
C ASP A 83 -43.46 22.62 -6.02
N PRO A 84 -42.18 22.59 -6.36
CA PRO A 84 -41.77 22.95 -7.72
C PRO A 84 -41.87 21.81 -8.73
N PHE A 85 -42.14 20.59 -8.30
CA PHE A 85 -42.08 19.43 -9.19
C PHE A 85 -43.43 18.86 -9.58
N PHE A 86 -44.45 19.00 -8.72
CA PHE A 86 -45.74 18.40 -9.02
C PHE A 86 -46.42 19.10 -10.19
N ALA A 87 -47.14 18.33 -10.99
CA ALA A 87 -47.83 18.89 -12.16
C ALA A 87 -48.90 19.89 -11.73
N ASP A 88 -49.66 19.57 -10.70
CA ASP A 88 -50.68 20.46 -10.18
C ASP A 88 -50.09 21.33 -9.07
N SER A 89 -50.68 22.51 -8.89
CA SER A 89 -50.23 23.44 -7.86
C SER A 89 -50.40 22.83 -6.48
N THR A 90 -49.30 22.53 -5.81
CA THR A 90 -49.32 21.87 -4.51
C THR A 90 -48.49 22.67 -3.52
N LEU A 91 -49.03 22.81 -2.31
CA LEU A 91 -48.35 23.51 -1.22
C LEU A 91 -47.91 22.49 -0.18
N ILE A 92 -46.62 22.50 0.14
CA ILE A 92 -46.04 21.56 1.09
C ILE A 92 -46.09 22.19 2.48
N ILE A 93 -46.69 21.48 3.43
CA ILE A 93 -46.76 21.92 4.82
C ILE A 93 -46.21 20.80 5.69
N ARG A 94 -45.10 21.07 6.38
CA ARG A 94 -44.53 20.10 7.30
C ARG A 94 -45.42 19.97 8.53
N CYS A 95 -45.55 18.75 9.04
CA CYS A 95 -46.47 18.46 10.13
C CYS A 95 -45.78 17.68 11.23
N ASP A 96 -46.28 17.84 12.44
CA ASP A 96 -45.82 17.10 13.61
C ASP A 96 -46.81 16.01 13.96
N ILE A 97 -46.31 14.89 14.46
CA ILE A 97 -47.14 13.76 14.87
C ILE A 97 -47.51 13.95 16.33
N LEU A 98 -48.81 14.02 16.60
CA LEU A 98 -49.33 14.27 17.93
C LEU A 98 -50.25 13.14 18.37
N GLU A 99 -50.28 12.88 19.66
CA GLU A 99 -51.20 11.91 20.22
C GLU A 99 -52.64 12.42 20.07
N PRO A 100 -53.60 11.51 19.88
CA PRO A 100 -54.99 11.96 19.67
C PRO A 100 -55.58 12.69 20.87
N GLY A 101 -55.49 12.11 22.06
CA GLY A 101 -56.11 12.70 23.23
C GLY A 101 -55.40 13.92 23.78
N THR A 102 -54.17 13.72 24.28
CA THR A 102 -53.45 14.81 24.92
C THR A 102 -52.99 15.88 23.94
N LEU A 103 -52.97 15.58 22.64
CA LEU A 103 -52.53 16.51 21.61
C LEU A 103 -51.10 17.00 21.86
N GLN A 104 -50.26 16.13 22.42
CA GLN A 104 -48.86 16.41 22.66
C GLN A 104 -47.99 15.64 21.69
N GLY A 105 -46.72 16.05 21.61
CA GLY A 105 -45.78 15.44 20.69
C GLY A 105 -45.60 13.95 20.89
N TYR A 106 -45.64 13.19 19.80
CA TYR A 106 -45.41 11.75 19.88
C TYR A 106 -43.99 11.46 20.32
N ASP A 107 -43.83 10.44 21.15
CA ASP A 107 -42.51 10.13 21.70
C ASP A 107 -41.54 9.67 20.62
N ARG A 108 -42.04 9.02 19.57
CA ARG A 108 -41.21 8.50 18.50
C ARG A 108 -41.07 9.46 17.32
N ASP A 109 -41.71 10.62 17.37
CA ASP A 109 -41.64 11.57 16.27
C ASP A 109 -40.30 12.30 16.30
N PRO A 110 -39.47 12.19 15.25
CA PRO A 110 -38.17 12.88 15.28
C PRO A 110 -38.26 14.39 15.43
N ARG A 111 -39.24 15.02 14.78
CA ARG A 111 -39.37 16.47 14.89
C ARG A 111 -39.81 16.87 16.29
N SER A 112 -40.71 16.09 16.89
CA SER A 112 -41.08 16.33 18.28
C SER A 112 -39.88 16.18 19.20
N ILE A 113 -39.02 15.20 18.93
CA ILE A 113 -37.81 15.00 19.73
C ILE A 113 -36.88 16.20 19.59
N ALA A 114 -36.72 16.70 18.37
CA ALA A 114 -35.86 17.88 18.16
C ALA A 114 -36.41 19.10 18.88
N LYS A 115 -37.74 19.29 18.82
CA LYS A 115 -38.35 20.42 19.53
C LYS A 115 -38.19 20.27 21.04
N ARG A 116 -38.30 19.03 21.54
CA ARG A 116 -38.06 18.79 22.96
C ARG A 116 -36.62 19.10 23.32
N ALA A 117 -35.67 18.76 22.46
CA ALA A 117 -34.27 19.05 22.72
C ALA A 117 -34.03 20.56 22.78
N GLU A 118 -34.63 21.31 21.84
CA GLU A 118 -34.49 22.77 21.87
C GLU A 118 -35.12 23.35 23.13
N ASP A 119 -36.30 22.84 23.52
CA ASP A 119 -36.95 23.32 24.74
C ASP A 119 -36.10 23.01 25.97
N TYR A 120 -35.49 21.83 26.01
CA TYR A 120 -34.61 21.49 27.13
C TYR A 120 -33.39 22.39 27.17
N LEU A 121 -32.84 22.72 26.00
CA LEU A 121 -31.71 23.65 25.93
C LEU A 121 -32.10 25.01 26.49
N ARG A 122 -33.30 25.50 26.12
CA ARG A 122 -33.76 26.78 26.65
C ARG A 122 -34.01 26.70 28.16
N SER A 123 -34.54 25.57 28.63
CA SER A 123 -34.86 25.43 30.05
C SER A 123 -33.61 25.32 30.90
N THR A 124 -32.54 24.71 30.39
CA THR A 124 -31.30 24.59 31.15
C THR A 124 -30.65 25.93 31.44
N GLY A 125 -30.98 26.96 30.65
CA GLY A 125 -30.36 28.26 30.81
C GLY A 125 -28.98 28.40 30.21
N ILE A 126 -28.47 27.35 29.57
CA ILE A 126 -27.14 27.41 28.98
C ILE A 126 -27.14 28.36 27.78
N ALA A 127 -28.11 28.22 26.91
CA ALA A 127 -28.18 29.04 25.71
C ALA A 127 -29.63 29.19 25.27
N ASP A 128 -29.88 30.19 24.43
CA ASP A 128 -31.21 30.43 23.91
C ASP A 128 -31.46 29.71 22.59
N THR A 129 -30.46 29.66 21.71
CA THR A 129 -30.59 29.01 20.42
C THR A 129 -29.36 28.17 20.14
N VAL A 130 -29.53 27.16 19.31
CA VAL A 130 -28.45 26.30 18.84
C VAL A 130 -28.45 26.34 17.31
N LEU A 131 -27.26 26.48 16.74
CA LEU A 131 -27.09 26.68 15.30
C LEU A 131 -26.38 25.48 14.70
N PHE A 132 -26.93 24.97 13.60
CA PHE A 132 -26.40 23.80 12.92
C PHE A 132 -26.07 24.13 11.48
N GLY A 133 -24.94 23.61 11.00
CA GLY A 133 -24.43 23.93 9.69
C GLY A 133 -24.06 22.73 8.82
N PRO A 134 -24.89 21.68 8.81
CA PRO A 134 -24.48 20.44 8.16
C PRO A 134 -24.18 20.62 6.68
N GLU A 135 -23.23 19.81 6.19
CA GLU A 135 -22.75 19.90 4.81
C GLU A 135 -22.88 18.54 4.16
N PRO A 136 -24.07 18.22 3.64
CA PRO A 136 -24.28 16.89 3.05
C PRO A 136 -23.58 16.74 1.70
N GLU A 137 -23.37 15.49 1.31
CA GLU A 137 -22.84 15.14 0.01
C GLU A 137 -23.71 14.05 -0.60
N PHE A 138 -23.77 14.01 -1.93
CA PHE A 138 -24.59 13.05 -2.63
C PHE A 138 -23.90 12.61 -3.91
N PHE A 139 -24.34 11.46 -4.42
CA PHE A 139 -23.80 10.88 -5.65
C PHE A 139 -24.86 10.93 -6.75
N LEU A 140 -24.42 11.28 -7.95
CA LEU A 140 -25.29 11.32 -9.12
C LEU A 140 -24.90 10.16 -10.04
N PHE A 141 -25.87 9.31 -10.36
CA PHE A 141 -25.64 8.14 -11.20
C PHE A 141 -26.63 8.15 -12.36
N ASP A 142 -26.28 7.41 -13.42
CA ASP A 142 -27.18 7.22 -14.54
C ASP A 142 -28.06 5.98 -14.37
N ASP A 143 -27.48 4.88 -13.88
CA ASP A 143 -28.23 3.65 -13.70
C ASP A 143 -27.63 2.87 -12.53
N ILE A 144 -28.50 2.36 -11.68
CA ILE A 144 -28.10 1.52 -10.55
C ILE A 144 -28.98 0.28 -10.54
N ARG A 145 -28.35 -0.89 -10.39
CA ARG A 145 -29.07 -2.16 -10.38
C ARG A 145 -28.54 -3.01 -9.24
N PHE A 146 -29.42 -3.38 -8.32
CA PHE A 146 -29.05 -4.25 -7.21
C PHE A 146 -30.14 -5.28 -6.99
N GLY A 147 -29.76 -6.39 -6.37
CA GLY A 147 -30.70 -7.45 -6.09
C GLY A 147 -30.06 -8.52 -5.23
N SER A 148 -30.91 -9.40 -4.71
CA SER A 148 -30.45 -10.48 -3.84
C SER A 148 -31.45 -11.62 -3.90
N SER A 149 -30.94 -12.84 -3.80
CA SER A 149 -31.76 -14.04 -3.80
C SER A 149 -30.91 -15.19 -3.26
N ILE A 150 -31.47 -16.40 -3.29
CA ILE A 150 -30.70 -17.57 -2.86
C ILE A 150 -29.56 -17.84 -3.84
N SER A 151 -29.73 -17.47 -5.11
CA SER A 151 -28.69 -17.70 -6.09
C SER A 151 -27.51 -16.75 -5.93
N GLY A 152 -27.69 -15.63 -5.23
CA GLY A 152 -26.60 -14.70 -5.01
C GLY A 152 -27.15 -13.29 -4.93
N SER A 153 -26.22 -12.34 -4.99
CA SER A 153 -26.54 -10.92 -4.92
C SER A 153 -25.57 -10.15 -5.80
N HIS A 154 -25.98 -8.94 -6.20
CA HIS A 154 -25.16 -8.13 -7.08
C HIS A 154 -25.52 -6.66 -6.90
N VAL A 155 -24.59 -5.80 -7.33
CA VAL A 155 -24.83 -4.37 -7.38
C VAL A 155 -24.02 -3.81 -8.54
N ALA A 156 -24.65 -2.95 -9.33
CA ALA A 156 -24.01 -2.38 -10.51
C ALA A 156 -24.28 -0.88 -10.55
N ILE A 157 -23.22 -0.08 -10.60
CA ILE A 157 -23.32 1.37 -10.66
C ILE A 157 -22.70 1.82 -11.98
N ASP A 158 -23.46 2.59 -12.75
CA ASP A 158 -23.00 3.06 -14.05
C ASP A 158 -23.41 4.50 -14.27
N ASP A 159 -22.45 5.31 -14.72
CA ASP A 159 -22.72 6.68 -15.14
C ASP A 159 -21.60 7.15 -16.05
N ILE A 160 -21.86 8.23 -16.79
CA ILE A 160 -20.90 8.71 -17.77
C ILE A 160 -19.61 9.16 -17.10
N GLU A 161 -19.73 9.88 -15.99
CA GLU A 161 -18.55 10.42 -15.32
C GLU A 161 -17.69 9.35 -14.67
N GLY A 162 -18.19 8.12 -14.55
CA GLY A 162 -17.40 7.04 -13.97
C GLY A 162 -16.11 6.77 -14.73
N ALA A 163 -15.00 6.66 -14.00
CA ALA A 163 -13.71 6.45 -14.63
C ALA A 163 -13.61 5.11 -15.35
N TRP A 164 -14.46 4.14 -14.97
CA TRP A 164 -14.42 2.84 -15.62
C TRP A 164 -15.05 2.86 -17.01
N ASN A 165 -15.72 3.94 -17.39
CA ASN A 165 -16.33 4.08 -18.70
C ASN A 165 -15.41 4.68 -19.73
N SER A 166 -14.08 4.57 -19.54
CA SER A 166 -13.14 5.12 -20.49
C SER A 166 -13.22 4.43 -21.85
N SER A 167 -13.56 3.14 -21.86
CA SER A 167 -13.67 2.37 -23.09
C SER A 167 -15.08 1.84 -23.33
N THR A 168 -16.06 2.30 -22.55
CA THR A 168 -17.43 1.83 -22.71
C THR A 168 -18.04 2.40 -23.98
N GLN A 169 -18.70 1.54 -24.76
CA GLN A 169 -19.36 1.97 -25.97
C GLN A 169 -20.55 2.87 -25.66
N TYR A 170 -20.74 3.90 -26.49
CA TYR A 170 -21.85 4.83 -26.32
C TYR A 170 -22.52 5.13 -27.65
N GLY A 176 -14.65 11.98 -24.18
CA GLY A 176 -13.84 11.08 -23.37
C GLY A 176 -13.30 11.74 -22.11
N HIS A 177 -13.85 12.90 -21.77
CA HIS A 177 -13.43 13.64 -20.58
C HIS A 177 -14.29 13.21 -19.40
N ARG A 178 -13.65 12.66 -18.37
CA ARG A 178 -14.35 12.23 -17.17
C ARG A 178 -13.36 12.25 -16.02
N PRO A 179 -13.83 12.50 -14.79
CA PRO A 179 -12.91 12.54 -13.66
C PRO A 179 -12.29 11.19 -13.37
N ALA A 180 -11.05 11.22 -12.89
CA ALA A 180 -10.37 10.01 -12.45
C ALA A 180 -10.78 9.69 -11.01
N VAL A 181 -10.32 8.52 -10.54
CA VAL A 181 -10.62 8.11 -9.17
C VAL A 181 -9.90 9.03 -8.20
N LYS A 182 -10.61 9.50 -7.18
CA LYS A 182 -10.10 10.41 -6.16
C LYS A 182 -9.57 11.70 -6.76
N GLY A 183 -10.05 12.08 -7.95
CA GLY A 183 -9.55 13.27 -8.61
C GLY A 183 -10.64 14.11 -9.26
N GLY A 184 -11.85 14.04 -8.72
CA GLY A 184 -12.96 14.82 -9.22
C GLY A 184 -13.17 16.15 -8.54
N TYR A 185 -12.25 16.57 -7.66
CA TYR A 185 -12.40 17.81 -6.91
C TYR A 185 -12.02 18.99 -7.78
N PHE A 186 -12.97 19.89 -8.02
CA PHE A 186 -12.81 21.11 -8.79
C PHE A 186 -12.25 20.83 -10.19
N PRO A 187 -12.95 20.07 -11.03
CA PRO A 187 -12.47 19.86 -12.39
C PRO A 187 -13.05 20.89 -13.36
N VAL A 188 -12.64 20.82 -14.62
CA VAL A 188 -13.13 21.76 -15.63
C VAL A 188 -14.59 21.46 -15.92
N PRO A 189 -15.38 22.43 -16.37
CA PRO A 189 -16.80 22.18 -16.68
C PRO A 189 -16.99 21.09 -17.71
N PRO A 190 -16.10 20.95 -18.72
CA PRO A 190 -16.23 19.76 -19.59
C PRO A 190 -16.13 18.44 -18.85
N VAL A 191 -15.13 18.30 -17.98
CA VAL A 191 -15.02 17.09 -17.17
C VAL A 191 -16.14 17.03 -16.14
N ASP A 192 -16.42 18.16 -15.50
CA ASP A 192 -17.47 18.25 -14.49
C ASP A 192 -18.81 18.45 -15.20
N SER A 193 -19.40 17.35 -15.63
CA SER A 193 -20.64 17.36 -16.39
C SER A 193 -21.88 17.59 -15.51
N ALA A 194 -21.69 18.05 -14.28
CA ALA A 194 -22.80 18.22 -13.34
C ALA A 194 -22.98 19.68 -12.94
N GLN A 195 -22.77 20.60 -13.88
CA GLN A 195 -22.89 22.02 -13.58
C GLN A 195 -24.34 22.49 -13.65
N ASP A 196 -25.03 22.16 -14.75
CA ASP A 196 -26.42 22.57 -14.91
C ASP A 196 -27.31 21.94 -13.86
N ILE A 197 -27.08 20.67 -13.53
CA ILE A 197 -27.88 19.99 -12.52
C ILE A 197 -27.70 20.66 -11.16
N ARG A 198 -26.46 21.02 -10.81
CA ARG A 198 -26.22 21.68 -9.54
C ARG A 198 -26.83 23.08 -9.51
N SER A 199 -26.74 23.82 -10.62
CA SER A 199 -27.34 25.14 -10.66
C SER A 199 -28.85 25.06 -10.53
N GLU A 200 -29.48 24.09 -11.19
CA GLU A 200 -30.92 23.90 -11.05
C GLU A 200 -31.29 23.52 -9.62
N MET A 201 -30.48 22.67 -8.99
CA MET A 201 -30.71 22.31 -7.60
C MET A 201 -30.64 23.54 -6.70
N CYS A 202 -29.64 24.40 -6.92
CA CYS A 202 -29.52 25.62 -6.13
C CYS A 202 -30.71 26.53 -6.32
N LEU A 203 -31.15 26.71 -7.57
CA LEU A 203 -32.30 27.57 -7.83
C LEU A 203 -33.57 27.03 -7.18
N VAL A 204 -33.79 25.72 -7.27
CA VAL A 204 -34.97 25.12 -6.66
C VAL A 204 -34.90 25.23 -5.14
N MET A 205 -33.70 25.05 -4.57
CA MET A 205 -33.54 25.20 -3.13
C MET A 205 -33.87 26.62 -2.69
N GLU A 206 -33.38 27.61 -3.43
CA GLU A 206 -33.70 29.00 -3.10
C GLU A 206 -35.18 29.30 -3.28
N GLN A 207 -35.84 28.62 -4.22
CA GLN A 207 -37.28 28.79 -4.37
C GLN A 207 -38.04 28.21 -3.18
N MET A 208 -37.44 27.25 -2.47
CA MET A 208 -38.10 26.56 -1.37
C MET A 208 -37.66 27.06 0.00
N GLY A 209 -36.99 28.20 0.07
CA GLY A 209 -36.62 28.81 1.33
C GLY A 209 -35.18 28.63 1.74
N LEU A 210 -34.46 27.71 1.11
CA LEU A 210 -33.06 27.49 1.44
C LEU A 210 -32.19 28.64 0.93
N VAL A 211 -31.08 28.87 1.63
CA VAL A 211 -30.07 29.83 1.23
C VAL A 211 -28.81 29.03 0.88
N VAL A 212 -28.36 29.17 -0.37
CA VAL A 212 -27.24 28.39 -0.89
C VAL A 212 -25.99 29.26 -0.89
N GLU A 213 -24.88 28.69 -0.42
CA GLU A 213 -23.61 29.41 -0.40
C GLU A 213 -22.76 29.08 -1.62
N ALA A 214 -22.51 27.81 -1.87
CA ALA A 214 -21.73 27.39 -3.03
C ALA A 214 -22.04 25.93 -3.34
N HIS A 215 -21.75 25.55 -4.58
CA HIS A 215 -21.88 24.17 -5.03
C HIS A 215 -20.64 23.80 -5.84
N HIS A 216 -20.17 22.57 -5.67
CA HIS A 216 -18.97 22.14 -6.36
C HIS A 216 -18.96 20.63 -6.45
N HIS A 217 -18.14 20.11 -7.37
CA HIS A 217 -17.93 18.69 -7.51
C HIS A 217 -17.04 18.18 -6.39
N GLU A 218 -17.29 16.95 -5.93
CA GLU A 218 -16.55 16.39 -4.81
C GLU A 218 -15.41 15.51 -5.32
N VAL A 219 -14.63 14.97 -4.39
CA VAL A 219 -13.40 14.27 -4.73
C VAL A 219 -13.69 13.02 -5.55
N ALA A 220 -14.68 12.23 -5.12
CA ALA A 220 -14.94 10.95 -5.76
C ALA A 220 -15.45 11.15 -7.18
N THR A 221 -15.09 10.20 -8.05
CA THR A 221 -15.58 10.19 -9.43
C THR A 221 -17.01 9.64 -9.43
N ALA A 222 -17.53 9.38 -10.63
CA ALA A 222 -18.90 8.88 -10.80
C ALA A 222 -19.92 9.83 -10.20
N GLY A 223 -19.68 11.13 -10.35
CA GLY A 223 -20.66 12.14 -10.03
C GLY A 223 -20.97 12.32 -8.56
N GLN A 224 -19.98 12.73 -7.77
CA GLN A 224 -20.22 13.15 -6.39
C GLN A 224 -20.25 14.67 -6.35
N ASN A 225 -21.36 15.24 -5.88
CA ASN A 225 -21.55 16.67 -5.86
C ASN A 225 -22.00 17.12 -4.47
N GLU A 226 -21.62 18.34 -4.12
CA GLU A 226 -21.97 18.94 -2.84
C GLU A 226 -22.56 20.32 -3.06
N VAL A 227 -23.70 20.58 -2.43
CA VAL A 227 -24.33 21.89 -2.44
C VAL A 227 -24.36 22.41 -1.00
N ALA A 228 -23.74 23.55 -0.76
CA ALA A 228 -23.63 24.10 0.57
C ALA A 228 -24.83 24.99 0.88
N THR A 229 -25.38 24.81 2.08
CA THR A 229 -26.52 25.59 2.55
C THR A 229 -26.15 26.35 3.81
N ARG A 230 -26.75 27.52 3.98
CA ARG A 230 -26.47 28.35 5.14
C ARG A 230 -27.04 27.71 6.40
N PHE A 231 -26.41 28.02 7.53
CA PHE A 231 -26.82 27.48 8.82
C PHE A 231 -28.16 28.07 9.26
N ASN A 232 -28.75 27.42 10.25
CA ASN A 232 -30.02 27.86 10.83
C ASN A 232 -30.17 27.17 12.18
N THR A 233 -31.30 27.41 12.84
CA THR A 233 -31.58 26.73 14.09
C THR A 233 -31.87 25.26 13.84
N MET A 234 -31.78 24.47 14.91
CA MET A 234 -31.67 23.01 14.77
C MET A 234 -32.88 22.40 14.06
N THR A 235 -34.09 22.71 14.52
CA THR A 235 -35.28 22.13 13.90
C THR A 235 -35.47 22.65 12.48
N LYS A 236 -35.30 23.96 12.29
CA LYS A 236 -35.41 24.53 10.94
C LYS A 236 -34.33 23.97 10.03
N LYS A 237 -33.12 23.76 10.57
CA LYS A 237 -32.06 23.18 9.75
C LYS A 237 -32.34 21.73 9.37
N ALA A 238 -32.97 20.96 10.27
CA ALA A 238 -33.36 19.61 9.93
C ALA A 238 -34.44 19.61 8.84
N ASP A 239 -35.41 20.50 8.95
CA ASP A 239 -36.40 20.64 7.87
C ASP A 239 -35.74 21.05 6.56
N GLU A 240 -34.75 21.94 6.64
CA GLU A 240 -34.02 22.35 5.45
C GLU A 240 -33.25 21.19 4.84
N ILE A 241 -32.71 20.30 5.68
CA ILE A 241 -32.00 19.14 5.18
C ILE A 241 -32.97 18.18 4.49
N GLN A 242 -34.18 18.03 5.05
CA GLN A 242 -35.20 17.22 4.38
C GLN A 242 -35.55 17.81 3.02
N ILE A 243 -35.74 19.13 2.95
CA ILE A 243 -36.04 19.78 1.68
C ILE A 243 -34.87 19.60 0.71
N TYR A 244 -33.63 19.68 1.23
CA TYR A 244 -32.44 19.50 0.41
C TYR A 244 -32.42 18.10 -0.22
N LYS A 245 -32.69 17.08 0.59
CA LYS A 245 -32.74 15.72 0.06
C LYS A 245 -33.84 15.58 -0.98
N TYR A 246 -35.02 16.15 -0.70
CA TYR A 246 -36.14 16.06 -1.63
C TYR A 246 -35.79 16.69 -2.97
N VAL A 247 -35.24 17.91 -2.94
CA VAL A 247 -34.94 18.61 -4.19
C VAL A 247 -33.81 17.91 -4.93
N VAL A 248 -32.81 17.40 -4.20
CA VAL A 248 -31.72 16.69 -4.88
C VAL A 248 -32.28 15.48 -5.62
N HIS A 249 -33.10 14.68 -4.93
CA HIS A 249 -33.67 13.49 -5.56
C HIS A 249 -34.51 13.86 -6.77
N ASN A 250 -35.38 14.85 -6.64
CA ASN A 250 -36.32 15.15 -7.71
C ASN A 250 -35.64 15.82 -8.89
N VAL A 251 -34.70 16.74 -8.65
CA VAL A 251 -33.99 17.39 -9.74
C VAL A 251 -33.10 16.38 -10.46
N ALA A 252 -32.51 15.44 -9.72
CA ALA A 252 -31.76 14.37 -10.37
C ALA A 252 -32.67 13.51 -11.23
N HIS A 253 -33.86 13.20 -10.74
CA HIS A 253 -34.81 12.40 -11.52
C HIS A 253 -35.24 13.13 -12.77
N ARG A 254 -35.43 14.45 -12.69
CA ARG A 254 -35.89 15.22 -13.84
C ARG A 254 -34.84 15.30 -14.94
N PHE A 255 -33.58 15.12 -14.63
CA PHE A 255 -32.49 15.19 -15.60
C PHE A 255 -32.07 13.82 -16.11
N GLY A 256 -32.80 12.77 -15.77
CA GLY A 256 -32.43 11.42 -16.16
C GLY A 256 -31.42 10.76 -15.25
N LYS A 257 -31.01 11.42 -14.18
CA LYS A 257 -30.06 10.87 -13.24
C LYS A 257 -30.78 10.23 -12.06
N THR A 258 -30.01 9.59 -11.19
CA THR A 258 -30.50 9.09 -9.92
C THR A 258 -29.54 9.53 -8.82
N ALA A 259 -30.08 10.00 -7.71
CA ALA A 259 -29.29 10.55 -6.61
C ALA A 259 -29.42 9.67 -5.39
N THR A 260 -28.29 9.41 -4.74
CA THR A 260 -28.26 8.63 -3.51
C THR A 260 -27.44 9.37 -2.46
N PHE A 261 -27.90 9.32 -1.22
CA PHE A 261 -27.16 9.85 -0.08
C PHE A 261 -26.46 8.74 0.70
N MET A 262 -26.23 7.60 0.07
CA MET A 262 -25.54 6.50 0.72
C MET A 262 -24.12 6.92 1.08
N PRO A 263 -23.62 6.53 2.26
CA PRO A 263 -22.27 6.96 2.64
C PRO A 263 -21.18 6.46 1.71
N LYS A 264 -21.12 5.15 1.45
CA LYS A 264 -20.06 4.55 0.65
C LYS A 264 -20.68 3.69 -0.44
N PRO A 265 -21.21 4.31 -1.50
CA PRO A 265 -21.80 3.52 -2.59
C PRO A 265 -20.82 2.59 -3.27
N MET A 266 -19.56 2.99 -3.41
CA MET A 266 -18.56 2.18 -4.09
C MET A 266 -17.27 2.18 -3.29
N PHE A 267 -16.54 1.08 -3.38
CA PHE A 267 -15.27 0.93 -2.70
C PHE A 267 -14.13 1.46 -3.57
N GLY A 268 -13.10 1.97 -2.91
CA GLY A 268 -11.96 2.53 -3.60
C GLY A 268 -12.08 4.00 -3.96
N ASP A 269 -13.17 4.65 -3.56
CA ASP A 269 -13.36 6.07 -3.85
C ASP A 269 -13.91 6.75 -2.60
N ASN A 270 -13.85 8.08 -2.61
CA ASN A 270 -14.28 8.86 -1.46
C ASN A 270 -15.77 8.66 -1.20
N GLY A 271 -16.13 8.61 0.08
CA GLY A 271 -17.52 8.44 0.48
C GLY A 271 -18.20 9.76 0.81
N SER A 272 -19.52 9.70 0.89
CA SER A 272 -20.31 10.88 1.21
C SER A 272 -20.40 11.07 2.72
N GLY A 273 -20.12 12.30 3.17
CA GLY A 273 -20.17 12.61 4.58
C GLY A 273 -20.97 13.87 4.82
N MET A 274 -21.37 14.06 6.08
CA MET A 274 -22.17 15.20 6.50
C MET A 274 -21.49 15.84 7.71
N HIS A 275 -20.58 16.76 7.45
CA HIS A 275 -19.94 17.51 8.53
C HIS A 275 -20.93 18.49 9.13
N CYS A 276 -21.07 18.46 10.45
CA CYS A 276 -22.04 19.29 11.15
C CYS A 276 -21.30 20.36 11.96
N HIS A 277 -21.64 21.62 11.71
CA HIS A 277 -21.10 22.75 12.45
C HIS A 277 -22.09 23.14 13.53
N MET A 278 -21.62 23.25 14.77
CA MET A 278 -22.48 23.51 15.92
C MET A 278 -22.03 24.76 16.64
N SER A 279 -23.00 25.56 17.07
CA SER A 279 -22.72 26.77 17.84
C SER A 279 -23.88 27.02 18.80
N LEU A 280 -23.59 27.72 19.88
CA LEU A 280 -24.58 28.09 20.89
C LEU A 280 -24.59 29.59 21.07
N SER A 281 -25.79 30.15 21.15
CA SER A 281 -25.97 31.59 21.29
C SER A 281 -26.94 31.89 22.42
N LYS A 282 -26.63 32.92 23.20
CA LYS A 282 -27.50 33.38 24.28
C LYS A 282 -27.55 34.90 24.24
N ASN A 283 -28.75 35.45 24.06
CA ASN A 283 -28.97 36.89 23.97
C ASN A 283 -28.16 37.52 22.84
N GLY A 284 -27.96 36.76 21.76
CA GLY A 284 -27.32 37.29 20.57
C GLY A 284 -25.81 37.25 20.55
N VAL A 285 -25.17 36.62 21.54
CA VAL A 285 -23.72 36.50 21.57
C VAL A 285 -23.35 35.03 21.46
N ASN A 286 -22.21 34.75 20.82
CA ASN A 286 -21.75 33.39 20.63
C ASN A 286 -21.04 32.90 21.89
N LEU A 287 -21.54 31.81 22.46
CA LEU A 287 -20.96 31.26 23.68
C LEU A 287 -19.73 30.40 23.43
N PHE A 288 -19.43 30.09 22.17
CA PHE A 288 -18.26 29.30 21.84
C PHE A 288 -17.03 30.13 21.54
N ALA A 289 -17.12 31.45 21.67
CA ALA A 289 -16.00 32.34 21.45
C ALA A 289 -15.41 32.76 22.80
N GLY A 290 -14.11 32.62 22.92
CA GLY A 290 -13.41 32.96 24.15
C GLY A 290 -11.93 33.11 23.93
N ASP A 291 -11.16 32.79 24.96
CA ASP A 291 -9.70 32.93 24.92
C ASP A 291 -9.00 31.59 25.08
N LYS A 292 -9.72 30.48 25.01
CA LYS A 292 -9.13 29.15 25.13
C LYS A 292 -8.55 28.72 23.78
N TYR A 293 -8.23 27.43 23.65
CA TYR A 293 -7.60 26.91 22.45
C TYR A 293 -8.46 27.19 21.21
N ALA A 294 -7.80 27.66 20.15
CA ALA A 294 -8.44 27.94 18.87
C ALA A 294 -9.56 28.98 19.00
N GLY A 295 -9.42 29.90 19.95
CA GLY A 295 -10.42 30.92 20.15
C GLY A 295 -11.70 30.45 20.81
N LEU A 296 -11.73 29.22 21.31
CA LEU A 296 -12.94 28.68 21.92
C LEU A 296 -13.08 29.18 23.36
N SER A 297 -14.18 28.79 23.99
CA SER A 297 -14.47 29.12 25.38
C SER A 297 -14.50 27.85 26.21
N GLU A 298 -14.72 28.02 27.52
CA GLU A 298 -14.83 26.86 28.40
C GLU A 298 -16.06 26.03 28.04
N GLN A 299 -17.17 26.68 27.71
CA GLN A 299 -18.37 25.96 27.33
C GLN A 299 -18.16 25.19 26.04
N ALA A 300 -17.39 25.75 25.10
CA ALA A 300 -17.08 25.03 23.86
C ALA A 300 -16.27 23.77 24.15
N LEU A 301 -15.29 23.87 25.05
CA LEU A 301 -14.50 22.70 25.41
C LEU A 301 -15.36 21.66 26.12
N TYR A 302 -16.27 22.10 26.98
CA TYR A 302 -17.19 21.17 27.63
C TYR A 302 -18.07 20.48 26.61
N TYR A 303 -18.56 21.23 25.62
CA TYR A 303 -19.36 20.64 24.54
C TYR A 303 -18.55 19.60 23.77
N ILE A 304 -17.29 19.90 23.47
CA ILE A 304 -16.44 18.95 22.76
C ILE A 304 -16.24 17.69 23.59
N GLY A 305 -15.97 17.85 24.89
CA GLY A 305 -15.79 16.70 25.75
C GLY A 305 -17.04 15.84 25.86
N GLY A 306 -18.20 16.48 25.96
CA GLY A 306 -19.45 15.74 25.99
C GLY A 306 -19.71 14.99 24.70
N VAL A 307 -19.41 15.61 23.57
CA VAL A 307 -19.56 14.93 22.29
C VAL A 307 -18.62 13.73 22.21
N ILE A 308 -17.37 13.91 22.65
CA ILE A 308 -16.38 12.83 22.59
C ILE A 308 -16.80 11.67 23.48
N LYS A 309 -17.27 11.96 24.70
CA LYS A 309 -17.59 10.91 25.65
C LYS A 309 -18.72 10.02 25.14
N HIS A 310 -19.75 10.62 24.55
CA HIS A 310 -20.92 9.89 24.08
C HIS A 310 -20.93 9.69 22.57
N ALA A 311 -19.77 9.79 21.93
CA ALA A 311 -19.71 9.71 20.47
C ALA A 311 -20.13 8.35 19.96
N LYS A 312 -19.75 7.27 20.65
CA LYS A 312 -20.14 5.95 20.21
C LYS A 312 -21.65 5.76 20.28
N ALA A 313 -22.28 6.29 21.34
CA ALA A 313 -23.73 6.27 21.41
C ALA A 313 -24.35 7.18 20.36
N ILE A 314 -23.68 8.28 20.01
CA ILE A 314 -24.17 9.16 18.96
C ILE A 314 -24.16 8.43 17.61
N ASN A 315 -23.16 7.57 17.40
CA ASN A 315 -23.00 6.90 16.11
C ASN A 315 -24.24 6.13 15.69
N ALA A 316 -25.01 5.63 16.66
CA ALA A 316 -26.24 4.93 16.33
C ALA A 316 -27.25 5.83 15.64
N LEU A 317 -27.14 7.14 15.82
CA LEU A 317 -28.05 8.11 15.21
C LEU A 317 -27.41 8.91 14.09
N ALA A 318 -26.15 9.28 14.23
CA ALA A 318 -25.41 10.02 13.22
C ALA A 318 -24.79 9.12 12.16
N ASN A 319 -24.74 7.81 12.39
CA ASN A 319 -24.26 6.84 11.41
C ASN A 319 -25.12 5.60 11.49
N PRO A 320 -26.38 5.69 11.06
CA PRO A 320 -27.34 4.61 11.31
C PRO A 320 -27.26 3.45 10.32
N THR A 321 -26.47 3.57 9.26
CA THR A 321 -26.37 2.54 8.24
C THR A 321 -25.04 1.82 8.33
N THR A 322 -25.00 0.60 7.79
CA THR A 322 -23.77 -0.17 7.77
C THR A 322 -22.76 0.38 6.77
N ASN A 323 -23.22 1.11 5.74
CA ASN A 323 -22.29 1.76 4.82
C ASN A 323 -21.56 2.91 5.51
N SER A 324 -22.18 3.53 6.52
CA SER A 324 -21.53 4.62 7.23
C SER A 324 -20.26 4.15 7.92
N TYR A 325 -20.18 2.86 8.27
CA TYR A 325 -18.99 2.31 8.87
C TYR A 325 -18.03 1.71 7.86
N LYS A 326 -18.50 1.45 6.64
CA LYS A 326 -17.57 1.22 5.54
C LYS A 326 -16.95 2.52 5.08
N ARG A 327 -17.56 3.66 5.41
CA ARG A 327 -16.89 4.94 5.24
C ARG A 327 -15.92 5.23 6.38
N LEU A 328 -16.35 4.99 7.62
CA LEU A 328 -15.54 5.28 8.80
C LEU A 328 -14.53 4.16 9.00
N VAL A 329 -13.46 4.21 8.21
CA VAL A 329 -12.35 3.26 8.29
C VAL A 329 -11.08 4.08 8.45
N PRO A 330 -10.05 3.59 9.15
CA PRO A 330 -8.78 4.31 9.18
C PRO A 330 -8.25 4.54 7.78
N GLY A 331 -7.79 5.76 7.52
CA GLY A 331 -7.45 6.16 6.17
C GLY A 331 -8.69 6.54 5.38
N TYR A 332 -8.48 6.72 4.07
CA TYR A 332 -9.55 7.03 3.13
C TYR A 332 -10.27 8.33 3.47
N GLU A 333 -9.55 9.27 4.10
CA GLU A 333 -10.05 10.62 4.38
C GLU A 333 -11.35 10.59 5.17
N ALA A 334 -11.43 9.75 6.19
CA ALA A 334 -12.58 9.66 7.07
C ALA A 334 -12.11 9.65 8.51
N PRO A 335 -12.27 10.73 9.26
CA PRO A 335 -11.75 10.78 10.63
C PRO A 335 -12.37 9.71 11.50
N VAL A 336 -11.53 9.09 12.33
CA VAL A 336 -12.00 8.12 13.33
C VAL A 336 -11.50 8.41 14.72
N MET A 337 -10.40 9.14 14.90
CA MET A 337 -9.91 9.47 16.23
C MET A 337 -10.79 10.55 16.86
N LEU A 338 -11.21 10.32 18.09
CA LEU A 338 -12.16 11.20 18.76
C LEU A 338 -11.47 12.31 19.53
N ALA A 339 -10.63 13.07 18.85
CA ALA A 339 -9.94 14.22 19.41
C ALA A 339 -10.37 15.48 18.67
N TYR A 340 -9.99 16.63 19.22
CA TYR A 340 -10.32 17.92 18.64
C TYR A 340 -9.03 18.68 18.35
N SER A 341 -8.93 19.23 17.15
CA SER A 341 -7.77 20.01 16.74
C SER A 341 -8.19 20.93 15.59
N ALA A 342 -7.40 21.98 15.39
CA ALA A 342 -7.67 22.93 14.31
C ALA A 342 -6.85 22.65 13.06
N ARG A 343 -5.90 21.72 13.11
CA ARG A 343 -5.05 21.45 11.96
C ARG A 343 -4.96 19.95 11.65
N ASN A 344 -5.15 19.12 12.67
CA ASN A 344 -5.02 17.67 12.49
C ASN A 344 -6.17 17.14 11.64
N ARG A 345 -5.85 16.56 10.48
CA ARG A 345 -6.87 16.00 9.62
C ARG A 345 -7.50 14.74 10.21
N SER A 346 -6.79 14.04 11.09
CA SER A 346 -7.31 12.81 11.68
C SER A 346 -8.35 13.07 12.76
N ALA A 347 -8.38 14.27 13.34
CA ALA A 347 -9.32 14.57 14.41
C ALA A 347 -10.76 14.53 13.90
N SER A 348 -11.63 13.83 14.65
CA SER A 348 -13.04 13.80 14.29
C SER A 348 -13.68 15.17 14.47
N ILE A 349 -13.32 15.87 15.53
CA ILE A 349 -13.85 17.21 15.81
C ILE A 349 -12.82 18.24 15.35
N ARG A 350 -13.28 19.17 14.52
CA ARG A 350 -12.42 20.22 13.99
C ARG A 350 -12.95 21.59 14.40
N ILE A 351 -12.04 22.52 14.59
CA ILE A 351 -12.39 23.90 14.93
C ILE A 351 -12.04 24.79 13.74
N PRO A 352 -13.00 25.15 12.91
CA PRO A 352 -12.69 25.95 11.72
C PRO A 352 -12.22 27.35 12.09
N VAL A 353 -11.35 27.89 11.24
CA VAL A 353 -10.83 29.25 11.43
C VAL A 353 -11.78 30.23 10.76
N VAL A 354 -12.20 31.25 11.50
CA VAL A 354 -13.14 32.25 11.01
C VAL A 354 -12.59 33.64 11.32
N SER A 355 -13.08 34.62 10.56
CA SER A 355 -12.58 35.98 10.70
C SER A 355 -13.11 36.66 11.95
N SER A 356 -14.32 36.32 12.40
CA SER A 356 -14.92 37.02 13.52
C SER A 356 -15.31 36.04 14.62
N PRO A 357 -15.29 36.48 15.88
CA PRO A 357 -15.70 35.60 16.97
C PRO A 357 -17.16 35.16 16.90
N LYS A 358 -18.01 35.93 16.22
CA LYS A 358 -19.42 35.58 16.14
C LYS A 358 -19.67 34.31 15.34
N ALA A 359 -18.71 33.90 14.51
CA ALA A 359 -18.86 32.73 13.65
C ALA A 359 -18.06 31.53 14.14
N ARG A 360 -17.50 31.59 15.33
CA ARG A 360 -16.72 30.47 15.85
C ARG A 360 -17.66 29.32 16.22
N ARG A 361 -17.30 28.12 15.79
CA ARG A 361 -18.18 26.97 15.90
C ARG A 361 -17.34 25.71 16.10
N ILE A 362 -18.02 24.58 16.22
CA ILE A 362 -17.39 23.27 16.39
C ILE A 362 -17.90 22.35 15.30
N GLU A 363 -16.99 21.71 14.58
CA GLU A 363 -17.32 20.86 13.44
C GLU A 363 -17.06 19.40 13.80
N VAL A 364 -18.09 18.56 13.63
CA VAL A 364 -17.96 17.12 13.76
C VAL A 364 -18.09 16.51 12.38
N ARG A 365 -17.21 15.57 12.06
CA ARG A 365 -17.08 15.06 10.70
C ARG A 365 -17.55 13.62 10.54
N PHE A 366 -17.79 12.89 11.62
CA PHE A 366 -18.20 11.49 11.52
C PHE A 366 -19.64 11.28 11.02
N PRO A 367 -20.61 12.18 11.26
CA PRO A 367 -21.97 11.92 10.78
C PRO A 367 -22.04 11.78 9.27
N ASP A 368 -22.98 10.96 8.81
CA ASP A 368 -23.18 10.66 7.40
C ASP A 368 -24.50 11.24 6.91
N PRO A 369 -24.64 11.48 5.60
CA PRO A 369 -25.90 12.02 5.08
C PRO A 369 -27.10 11.12 5.29
N ALA A 370 -26.89 9.81 5.46
CA ALA A 370 -28.01 8.90 5.68
C ALA A 370 -28.63 9.03 7.06
N ALA A 371 -28.01 9.78 7.95
CA ALA A 371 -28.53 9.95 9.30
C ALA A 371 -29.81 10.77 9.29
N ASN A 372 -30.71 10.44 10.21
CA ASN A 372 -31.91 11.24 10.40
C ASN A 372 -31.51 12.61 10.93
N PRO A 373 -31.88 13.70 10.25
CA PRO A 373 -31.43 15.03 10.70
C PRO A 373 -31.88 15.36 12.11
N TYR A 374 -33.16 15.14 12.42
CA TYR A 374 -33.67 15.49 13.74
C TYR A 374 -32.97 14.69 14.83
N LEU A 375 -32.89 13.37 14.65
CA LEU A 375 -32.30 12.52 15.68
C LEU A 375 -30.81 12.81 15.85
N CYS A 376 -30.08 12.96 14.75
CA CYS A 376 -28.65 13.25 14.83
C CYS A 376 -28.40 14.59 15.52
N PHE A 377 -29.13 15.62 15.12
CA PHE A 377 -28.93 16.93 15.73
C PHE A 377 -29.30 16.92 17.20
N ALA A 378 -30.40 16.25 17.55
CA ALA A 378 -30.79 16.16 18.95
C ALA A 378 -29.76 15.41 19.77
N ALA A 379 -29.20 14.32 19.23
CA ALA A 379 -28.19 13.57 19.95
C ALA A 379 -26.94 14.40 20.17
N LEU A 380 -26.49 15.11 19.14
CA LEU A 380 -25.30 15.95 19.31
C LEU A 380 -25.55 17.06 20.33
N LEU A 381 -26.73 17.70 20.25
CA LEU A 381 -27.03 18.77 21.20
C LEU A 381 -27.12 18.24 22.63
N MET A 382 -27.73 17.07 22.82
CA MET A 382 -27.84 16.50 24.15
C MET A 382 -26.48 16.09 24.70
N ALA A 383 -25.61 15.54 23.84
CA ALA A 383 -24.27 15.20 24.28
C ALA A 383 -23.50 16.46 24.71
N GLY A 384 -23.61 17.53 23.92
CA GLY A 384 -22.94 18.76 24.30
C GLY A 384 -23.49 19.36 25.59
N LEU A 385 -24.81 19.31 25.76
CA LEU A 385 -25.42 19.82 26.98
C LEU A 385 -25.00 18.99 28.20
N ASP A 386 -24.91 17.67 28.04
CA ASP A 386 -24.42 16.83 29.13
C ASP A 386 -22.97 17.16 29.47
N GLY A 387 -22.14 17.38 28.45
CA GLY A 387 -20.77 17.78 28.70
C GLY A 387 -20.67 19.10 29.42
N ILE A 388 -21.50 20.07 29.05
CA ILE A 388 -21.49 21.37 29.72
C ILE A 388 -21.96 21.23 31.17
N LYS A 389 -23.04 20.49 31.39
CA LYS A 389 -23.59 20.34 32.73
C LYS A 389 -22.62 19.61 33.66
N ASN A 390 -21.99 18.53 33.17
CA ASN A 390 -21.08 17.74 33.97
C ASN A 390 -19.65 18.26 33.92
N LYS A 391 -19.38 19.31 33.15
CA LYS A 391 -18.06 19.91 33.04
C LYS A 391 -17.01 18.87 32.64
N ILE A 392 -17.26 18.20 31.53
CA ILE A 392 -16.34 17.18 31.03
C ILE A 392 -15.27 17.87 30.19
N HIS A 393 -14.03 17.80 30.66
CA HIS A 393 -12.93 18.40 29.90
C HIS A 393 -12.56 17.52 28.71
N PRO A 394 -12.36 18.11 27.53
CA PRO A 394 -12.03 17.30 26.36
C PRO A 394 -10.63 16.73 26.38
N GLY A 395 -9.78 17.14 27.32
CA GLY A 395 -8.39 16.77 27.30
C GLY A 395 -7.59 17.68 26.40
N GLU A 396 -6.28 17.46 26.38
CA GLU A 396 -5.39 18.28 25.57
C GLU A 396 -5.62 18.01 24.09
N ALA A 397 -5.51 19.06 23.29
CA ALA A 397 -5.79 18.96 21.86
C ALA A 397 -4.77 18.08 21.16
N MET A 398 -5.21 17.45 20.07
CA MET A 398 -4.35 16.59 19.27
C MET A 398 -3.67 17.42 18.17
N ASP A 399 -2.93 18.43 18.60
CA ASP A 399 -2.23 19.34 17.70
C ASP A 399 -0.74 19.39 18.00
N LYS A 400 -0.20 18.38 18.66
CA LYS A 400 1.20 18.36 19.07
C LYS A 400 1.88 17.11 18.55
N ASN A 401 3.12 17.27 18.09
CA ASN A 401 3.91 16.15 17.61
C ASN A 401 4.79 15.63 18.73
N LEU A 402 4.43 14.48 19.29
CA LEU A 402 5.17 13.87 20.39
C LEU A 402 6.14 12.85 19.80
N TYR A 403 7.42 13.23 19.72
CA TYR A 403 8.49 12.35 19.26
C TYR A 403 8.20 11.82 17.85
N ASP A 404 7.69 12.69 16.99
CA ASP A 404 7.45 12.39 15.58
C ASP A 404 6.49 11.20 15.42
N LEU A 405 5.47 11.15 16.28
CA LEU A 405 4.40 10.19 16.11
C LEU A 405 3.17 10.87 15.49
N LYS A 411 -1.97 5.15 21.27
CA LYS A 411 -3.09 4.38 20.74
C LYS A 411 -4.20 4.27 21.79
N GLU A 412 -4.15 5.11 22.80
CA GLU A 412 -5.18 5.17 23.84
C GLU A 412 -6.32 6.11 23.47
N ILE A 413 -6.23 6.80 22.34
CA ILE A 413 -7.29 7.73 21.93
C ILE A 413 -8.54 6.92 21.58
N PRO A 414 -9.70 7.26 22.14
CA PRO A 414 -10.92 6.53 21.80
C PRO A 414 -11.28 6.71 20.33
N GLN A 415 -11.91 5.67 19.76
CA GLN A 415 -12.21 5.63 18.35
C GLN A 415 -13.72 5.57 18.13
N VAL A 416 -14.16 6.10 16.98
CA VAL A 416 -15.55 6.05 16.61
C VAL A 416 -15.98 4.59 16.46
N ALA A 417 -17.25 4.32 16.76
CA ALA A 417 -17.77 2.96 16.70
C ALA A 417 -17.47 2.34 15.33
N GLY A 418 -16.85 1.16 15.35
CA GLY A 418 -16.44 0.50 14.12
C GLY A 418 -17.50 -0.30 13.42
N SER A 419 -18.66 -0.50 14.06
CA SER A 419 -19.74 -1.26 13.44
C SER A 419 -21.06 -0.76 13.99
N LEU A 420 -22.13 -1.03 13.22
CA LEU A 420 -23.46 -0.62 13.66
C LEU A 420 -23.90 -1.36 14.91
N GLU A 421 -23.50 -2.63 15.05
CA GLU A 421 -23.83 -3.38 16.25
C GLU A 421 -23.19 -2.74 17.49
N GLU A 422 -21.92 -2.34 17.37
CA GLU A 422 -21.24 -1.70 18.49
C GLU A 422 -21.91 -0.38 18.86
N ALA A 423 -22.27 0.43 17.86
CA ALA A 423 -22.94 1.69 18.13
C ALA A 423 -24.30 1.49 18.78
N LEU A 424 -25.05 0.49 18.31
CA LEU A 424 -26.34 0.20 18.90
C LEU A 424 -26.20 -0.28 20.34
N ASN A 425 -25.18 -1.11 20.61
CA ASN A 425 -24.94 -1.56 21.98
C ASN A 425 -24.57 -0.38 22.88
N GLU A 426 -23.73 0.52 22.39
CA GLU A 426 -23.37 1.70 23.18
C GLU A 426 -24.59 2.58 23.44
N LEU A 427 -25.46 2.73 22.44
CA LEU A 427 -26.69 3.49 22.63
C LEU A 427 -27.58 2.83 23.67
N ASP A 428 -27.68 1.50 23.64
CA ASP A 428 -28.49 0.79 24.63
C ASP A 428 -27.93 0.97 26.03
N LEU A 429 -26.61 0.88 26.19
CA LEU A 429 -26.01 1.05 27.52
C LEU A 429 -25.99 2.50 27.95
N ASP A 430 -25.68 3.41 27.03
CA ASP A 430 -25.57 4.84 27.33
C ASP A 430 -26.84 5.53 26.86
N ARG A 431 -27.74 5.81 27.81
CA ARG A 431 -29.05 6.37 27.50
C ARG A 431 -29.37 7.67 28.25
N GLU A 432 -28.69 7.96 29.36
CA GLU A 432 -29.12 9.06 30.22
C GLU A 432 -28.94 10.42 29.53
N PHE A 433 -27.87 10.58 28.76
CA PHE A 433 -27.64 11.87 28.11
C PHE A 433 -28.71 12.19 27.07
N LEU A 434 -29.44 11.18 26.59
CA LEU A 434 -30.58 11.42 25.72
C LEU A 434 -31.89 11.47 26.48
N LYS A 435 -32.00 10.75 27.59
CA LYS A 435 -33.21 10.73 28.38
C LYS A 435 -33.35 11.95 29.29
N ALA A 436 -32.30 12.75 29.42
CA ALA A 436 -32.38 13.95 30.25
C ALA A 436 -33.40 14.93 29.67
N GLY A 437 -34.31 15.39 30.51
CA GLY A 437 -35.32 16.34 30.09
C GLY A 437 -36.49 15.74 29.32
N GLY A 438 -36.53 14.42 29.17
CA GLY A 438 -37.63 13.80 28.44
C GLY A 438 -37.51 13.91 26.94
N VAL A 439 -36.34 14.26 26.42
CA VAL A 439 -36.18 14.40 24.97
C VAL A 439 -36.31 13.04 24.29
N PHE A 440 -35.62 12.03 24.80
CA PHE A 440 -35.69 10.67 24.29
C PHE A 440 -36.30 9.78 25.37
N THR A 441 -37.49 9.27 25.11
CA THR A 441 -38.05 8.26 26.00
C THR A 441 -37.39 6.91 25.72
N ASP A 442 -37.47 6.02 26.73
CA ASP A 442 -36.84 4.71 26.60
C ASP A 442 -37.46 3.90 25.48
N GLU A 443 -38.78 3.98 25.33
CA GLU A 443 -39.48 3.20 24.31
C GLU A 443 -39.04 3.59 22.91
N ALA A 444 -38.86 4.88 22.66
CA ALA A 444 -38.42 5.33 21.33
C ALA A 444 -37.02 4.82 21.03
N ILE A 445 -36.12 4.87 22.01
CA ILE A 445 -34.76 4.36 21.80
C ILE A 445 -34.81 2.86 21.53
N ASP A 446 -35.64 2.12 22.26
CA ASP A 446 -35.76 0.70 22.04
C ASP A 446 -36.28 0.39 20.64
N ALA A 447 -37.29 1.13 20.18
CA ALA A 447 -37.83 0.91 18.84
C ALA A 447 -36.79 1.23 17.77
N TYR A 448 -36.05 2.32 17.93
CA TYR A 448 -35.00 2.67 16.98
C TYR A 448 -33.93 1.59 16.95
N ILE A 449 -33.54 1.08 18.12
CA ILE A 449 -32.53 0.03 18.20
C ILE A 449 -33.02 -1.22 17.48
N ALA A 450 -34.29 -1.60 17.69
CA ALA A 450 -34.82 -2.77 17.00
C ALA A 450 -34.85 -2.58 15.50
N LEU A 451 -35.26 -1.39 15.04
CA LEU A 451 -35.32 -1.12 13.61
C LEU A 451 -33.93 -1.21 12.98
N ARG A 452 -32.92 -0.67 13.64
CA ARG A 452 -31.56 -0.74 13.08
C ARG A 452 -30.99 -2.14 13.20
N ARG A 453 -31.34 -2.88 14.26
CA ARG A 453 -30.85 -4.24 14.42
C ARG A 453 -31.41 -5.17 13.34
N GLU A 454 -32.64 -4.91 12.88
CA GLU A 454 -33.18 -5.72 11.79
C GLU A 454 -32.31 -5.59 10.54
N GLU A 455 -31.94 -4.36 10.18
CA GLU A 455 -31.08 -4.14 9.02
C GLU A 455 -29.68 -4.72 9.25
N ASP A 456 -29.16 -4.58 10.47
CA ASP A 456 -27.85 -5.14 10.78
C ASP A 456 -27.87 -6.66 10.62
N ASP A 457 -28.93 -7.31 11.10
CA ASP A 457 -29.03 -8.77 10.95
C ASP A 457 -29.14 -9.15 9.47
N ARG A 458 -29.91 -8.39 8.70
CA ARG A 458 -30.03 -8.69 7.27
C ARG A 458 -28.70 -8.57 6.56
N VAL A 459 -27.93 -7.53 6.87
CA VAL A 459 -26.64 -7.35 6.18
C VAL A 459 -25.62 -8.36 6.68
N ARG A 460 -25.70 -8.79 7.94
CA ARG A 460 -24.73 -9.74 8.46
C ARG A 460 -25.00 -11.16 8.00
N MET A 461 -26.28 -11.54 7.81
CA MET A 461 -26.61 -12.91 7.43
C MET A 461 -26.43 -13.19 5.95
N THR A 462 -26.29 -12.17 5.11
CA THR A 462 -26.21 -12.36 3.67
C THR A 462 -24.76 -12.51 3.23
N PRO A 463 -24.42 -13.58 2.50
CA PRO A 463 -23.05 -13.72 1.99
C PRO A 463 -22.68 -12.60 1.04
N HIS A 464 -21.40 -12.24 1.06
CA HIS A 464 -20.79 -11.16 0.29
C HIS A 464 -20.00 -11.73 -0.90
N PRO A 465 -20.00 -11.03 -2.04
CA PRO A 465 -19.18 -11.49 -3.18
C PRO A 465 -17.70 -11.55 -2.86
N VAL A 466 -17.18 -10.64 -2.04
CA VAL A 466 -15.78 -10.70 -1.65
C VAL A 466 -15.52 -11.96 -0.84
N GLU A 467 -16.49 -12.42 -0.06
CA GLU A 467 -16.35 -13.70 0.63
C GLU A 467 -16.17 -14.85 -0.36
N PHE A 468 -16.86 -14.80 -1.50
CA PHE A 468 -16.64 -15.79 -2.54
C PHE A 468 -15.27 -15.64 -3.18
N GLU A 469 -14.83 -14.40 -3.41
CA GLU A 469 -13.50 -14.19 -3.97
C GLU A 469 -12.39 -14.65 -3.04
N LEU A 470 -12.65 -14.69 -1.73
CA LEU A 470 -11.63 -15.06 -0.76
C LEU A 470 -11.66 -16.52 -0.34
N TYR A 471 -12.85 -17.09 -0.10
CA TYR A 471 -12.99 -18.40 0.51
C TYR A 471 -13.85 -19.34 -0.34
N TYR A 472 -13.58 -19.41 -1.64
CA TYR A 472 -14.26 -20.38 -2.47
C TYR A 472 -13.44 -21.62 -2.74
N SER A 473 -12.12 -21.48 -2.91
CA SER A 473 -11.23 -22.61 -3.14
C SER A 473 -10.61 -23.13 -1.85
N VAL A 474 -10.93 -22.54 -0.71
CA VAL A 474 -10.38 -22.99 0.57
C VAL A 474 -11.51 -23.24 1.56
N MET B 6 28.68 -37.93 -29.95
CA MET B 6 28.26 -38.56 -31.20
C MET B 6 29.04 -37.99 -32.38
N SER B 7 29.33 -38.85 -33.36
CA SER B 7 30.03 -38.47 -34.57
C SER B 7 29.08 -38.54 -35.76
N ALA B 8 29.63 -38.31 -36.96
CA ALA B 8 28.82 -38.39 -38.16
C ALA B 8 28.29 -39.80 -38.38
N GLU B 9 29.11 -40.82 -38.09
CA GLU B 9 28.66 -42.20 -38.23
C GLU B 9 27.49 -42.50 -37.30
N HIS B 10 27.55 -41.99 -36.07
CA HIS B 10 26.44 -42.16 -35.14
C HIS B 10 25.17 -41.49 -35.67
N VAL B 11 25.31 -40.31 -36.28
CA VAL B 11 24.14 -39.63 -36.84
C VAL B 11 23.56 -40.43 -37.99
N LEU B 12 24.42 -40.99 -38.85
CA LEU B 12 23.91 -41.80 -39.96
C LEU B 12 23.21 -43.06 -39.45
N THR B 13 23.77 -43.71 -38.43
CA THR B 13 23.12 -44.89 -37.86
C THR B 13 21.78 -44.51 -37.22
N MET B 14 21.72 -43.35 -36.57
CA MET B 14 20.45 -42.87 -36.01
C MET B 14 19.43 -42.60 -37.11
N LEU B 15 19.88 -42.04 -38.22
CA LEU B 15 18.99 -41.82 -39.36
C LEU B 15 18.44 -43.14 -39.89
N ASN B 16 19.29 -44.15 -39.99
CA ASN B 16 18.84 -45.45 -40.50
C ASN B 16 17.91 -46.15 -39.51
N GLU B 17 18.17 -46.00 -38.22
CA GLU B 17 17.43 -46.76 -37.21
C GLU B 17 16.00 -46.24 -37.07
N HIS B 18 15.84 -44.91 -36.99
CA HIS B 18 14.54 -44.30 -36.74
C HIS B 18 13.75 -44.08 -38.03
N GLU B 19 14.27 -44.51 -39.19
CA GLU B 19 13.63 -44.26 -40.47
C GLU B 19 13.36 -42.77 -40.67
N VAL B 20 14.36 -41.96 -40.34
CA VAL B 20 14.23 -40.51 -40.43
C VAL B 20 14.11 -40.11 -41.90
N LYS B 21 13.15 -39.22 -42.20
CA LYS B 21 12.92 -38.79 -43.56
C LYS B 21 13.38 -37.36 -43.84
N PHE B 22 13.49 -36.52 -42.82
CA PHE B 22 13.95 -35.15 -42.99
C PHE B 22 14.95 -34.82 -41.89
N VAL B 23 15.86 -33.89 -42.20
CA VAL B 23 16.85 -33.40 -41.25
C VAL B 23 16.66 -31.90 -41.11
N ASP B 24 16.46 -31.42 -39.89
CA ASP B 24 16.22 -30.01 -39.61
C ASP B 24 17.51 -29.40 -39.08
N LEU B 25 18.04 -28.41 -39.81
CA LEU B 25 19.24 -27.71 -39.41
C LEU B 25 18.84 -26.41 -38.71
N ARG B 26 19.20 -26.29 -37.44
CA ARG B 26 18.75 -25.19 -36.60
C ARG B 26 19.92 -24.34 -36.15
N PHE B 27 19.67 -23.05 -36.01
CA PHE B 27 20.65 -22.10 -35.52
C PHE B 27 19.92 -20.92 -34.90
N THR B 28 20.65 -20.13 -34.12
CA THR B 28 20.10 -19.00 -33.38
C THR B 28 20.63 -17.70 -33.98
N ASP B 29 19.73 -16.76 -34.22
CA ASP B 29 20.11 -15.46 -34.75
C ASP B 29 20.52 -14.53 -33.62
N THR B 30 20.80 -13.26 -33.97
CA THR B 30 21.21 -12.29 -32.97
C THR B 30 20.10 -12.01 -31.97
N LYS B 31 18.85 -11.94 -32.44
CA LYS B 31 17.73 -11.65 -31.56
C LYS B 31 17.45 -12.78 -30.56
N GLY B 32 17.99 -13.97 -30.81
CA GLY B 32 17.75 -15.12 -29.96
C GLY B 32 16.75 -16.11 -30.50
N LYS B 33 16.06 -15.77 -31.59
CA LYS B 33 15.10 -16.69 -32.19
C LYS B 33 15.82 -17.84 -32.87
N GLU B 34 15.20 -19.01 -32.84
CA GLU B 34 15.76 -20.22 -33.44
C GLU B 34 15.29 -20.31 -34.88
N GLN B 35 16.23 -20.29 -35.81
CA GLN B 35 15.94 -20.38 -37.24
C GLN B 35 16.33 -21.76 -37.75
N HIS B 36 15.46 -22.36 -38.55
CA HIS B 36 15.65 -23.73 -39.01
C HIS B 36 15.41 -23.85 -40.50
N VAL B 37 16.20 -24.73 -41.12
CA VAL B 37 16.04 -25.09 -42.53
C VAL B 37 16.05 -26.61 -42.63
N THR B 38 15.05 -27.17 -43.28
CA THR B 38 14.88 -28.62 -43.36
C THR B 38 15.35 -29.14 -44.71
N ILE B 39 16.01 -30.30 -44.68
CA ILE B 39 16.49 -30.96 -45.88
C ILE B 39 16.10 -32.43 -45.83
N PRO B 40 15.94 -33.10 -46.97
CA PRO B 40 15.64 -34.54 -46.95
C PRO B 40 16.79 -35.33 -46.35
N ALA B 41 16.45 -36.48 -45.76
CA ALA B 41 17.44 -37.31 -45.10
C ALA B 41 18.45 -37.88 -46.08
N HIS B 42 18.04 -38.14 -47.32
CA HIS B 42 18.97 -38.69 -48.31
C HIS B 42 20.03 -37.68 -48.75
N GLN B 43 19.87 -36.40 -48.40
CA GLN B 43 20.88 -35.40 -48.69
C GLN B 43 21.99 -35.36 -47.66
N VAL B 44 21.89 -36.14 -46.59
CA VAL B 44 22.88 -36.17 -45.52
C VAL B 44 23.82 -37.34 -45.76
N ASN B 45 25.12 -37.06 -45.82
CA ASN B 45 26.12 -38.09 -46.04
C ASN B 45 27.40 -37.67 -45.32
N ALA B 46 28.50 -38.37 -45.62
CA ALA B 46 29.77 -38.07 -44.97
C ALA B 46 30.26 -36.68 -45.34
N GLU B 47 30.14 -36.29 -46.60
CA GLU B 47 30.60 -34.98 -47.03
C GLU B 47 29.73 -33.85 -46.49
N PHE B 48 28.49 -34.15 -46.08
CA PHE B 48 27.63 -33.13 -45.50
C PHE B 48 28.21 -32.58 -44.20
N PHE B 49 28.75 -33.46 -43.36
CA PHE B 49 29.34 -33.05 -42.10
C PHE B 49 30.71 -32.42 -42.25
N GLU B 50 31.34 -32.55 -43.42
CA GLU B 50 32.64 -31.95 -43.68
C GLU B 50 32.55 -30.64 -44.42
N GLU B 51 31.51 -30.44 -45.24
CA GLU B 51 31.36 -29.21 -46.02
C GLU B 51 30.19 -28.35 -45.59
N GLY B 52 29.10 -28.94 -45.12
CA GLY B 52 27.94 -28.18 -44.71
C GLY B 52 27.09 -27.74 -45.90
N LYS B 53 26.06 -26.95 -45.57
CA LYS B 53 25.13 -26.43 -46.56
C LYS B 53 25.22 -24.92 -46.61
N MET B 54 25.40 -24.38 -47.82
CA MET B 54 25.45 -22.94 -48.00
C MET B 54 24.05 -22.35 -48.00
N PHE B 55 23.89 -21.21 -47.33
CA PHE B 55 22.61 -20.54 -47.25
C PHE B 55 22.82 -19.03 -47.26
N ASP B 56 21.76 -18.31 -47.62
CA ASP B 56 21.78 -16.85 -47.66
C ASP B 56 21.27 -16.32 -46.33
N GLY B 57 22.14 -15.64 -45.59
CA GLY B 57 21.78 -15.10 -44.29
C GLY B 57 21.47 -13.62 -44.33
N SER B 58 21.28 -13.07 -45.54
CA SER B 58 20.96 -11.66 -45.67
C SER B 58 19.61 -11.34 -45.06
N SER B 59 18.63 -12.24 -45.22
CA SER B 59 17.30 -12.01 -44.67
C SER B 59 17.28 -12.03 -43.15
N ILE B 60 18.32 -12.59 -42.52
CA ILE B 60 18.40 -12.57 -41.07
C ILE B 60 18.58 -11.13 -40.59
N GLY B 61 18.10 -10.85 -39.38
CA GLY B 61 18.05 -9.51 -38.84
C GLY B 61 19.34 -8.72 -38.91
N GLY B 62 20.36 -9.14 -38.18
CA GLY B 62 21.61 -8.41 -38.09
C GLY B 62 22.76 -8.97 -38.89
N TRP B 63 22.51 -9.88 -39.83
CA TRP B 63 23.57 -10.52 -40.58
C TRP B 63 23.74 -9.93 -41.97
N LYS B 64 23.14 -8.76 -42.24
CA LYS B 64 23.27 -8.13 -43.53
C LYS B 64 24.70 -7.66 -43.77
N GLY B 65 25.10 -7.64 -45.03
CA GLY B 65 26.42 -7.17 -45.41
C GLY B 65 26.37 -6.50 -46.76
N ILE B 66 27.29 -5.55 -46.96
CA ILE B 66 27.34 -4.82 -48.24
C ILE B 66 27.75 -5.73 -49.39
N ASN B 67 28.51 -6.78 -49.12
CA ASN B 67 28.96 -7.71 -50.16
C ASN B 67 27.95 -8.80 -50.45
N GLU B 68 26.91 -8.95 -49.62
CA GLU B 68 25.90 -9.99 -49.79
C GLU B 68 26.53 -11.38 -49.88
N SER B 69 27.54 -11.62 -49.03
CA SER B 69 28.23 -12.90 -49.03
C SER B 69 27.36 -13.99 -48.40
N ASP B 70 27.51 -15.20 -48.92
CA ASP B 70 26.80 -16.35 -48.38
C ASP B 70 27.56 -16.93 -47.19
N MET B 71 26.89 -17.83 -46.46
CA MET B 71 27.46 -18.44 -45.28
C MET B 71 27.15 -19.93 -45.29
N VAL B 72 27.91 -20.67 -44.50
CA VAL B 72 27.87 -22.14 -44.50
C VAL B 72 27.25 -22.61 -43.19
N LEU B 73 26.26 -23.50 -43.29
CA LEU B 73 25.65 -24.13 -42.13
C LEU B 73 26.43 -25.41 -41.82
N MET B 74 27.22 -25.39 -40.74
CA MET B 74 28.03 -26.53 -40.38
C MET B 74 27.34 -27.31 -39.27
N PRO B 75 26.85 -28.52 -39.53
CA PRO B 75 26.15 -29.27 -38.48
C PRO B 75 27.09 -29.74 -37.39
N ASP B 76 26.54 -29.88 -36.19
CA ASP B 76 27.23 -30.45 -35.04
C ASP B 76 26.61 -31.81 -34.75
N ALA B 77 27.38 -32.87 -34.94
CA ALA B 77 26.85 -34.23 -34.80
C ALA B 77 26.42 -34.54 -33.37
N SER B 78 27.01 -33.88 -32.37
CA SER B 78 26.68 -34.16 -30.98
C SER B 78 25.30 -33.65 -30.59
N THR B 79 24.66 -32.83 -31.42
CA THR B 79 23.37 -32.23 -31.10
C THR B 79 22.20 -32.93 -31.79
N ALA B 80 22.42 -34.12 -32.33
CA ALA B 80 21.36 -34.83 -33.04
C ALA B 80 20.27 -35.27 -32.07
N VAL B 81 19.01 -35.00 -32.44
CA VAL B 81 17.87 -35.38 -31.61
C VAL B 81 16.65 -35.47 -32.51
N ILE B 82 15.79 -36.46 -32.23
CA ILE B 82 14.59 -36.67 -33.01
C ILE B 82 13.54 -35.65 -32.61
N ASP B 83 12.97 -34.96 -33.59
CA ASP B 83 11.91 -34.00 -33.30
C ASP B 83 10.66 -34.74 -32.85
N PRO B 84 10.07 -34.36 -31.71
CA PRO B 84 8.89 -35.07 -31.20
C PRO B 84 7.55 -34.46 -31.61
N PHE B 85 7.53 -33.46 -32.48
CA PHE B 85 6.31 -32.77 -32.85
C PHE B 85 5.95 -32.90 -34.32
N PHE B 86 6.93 -32.94 -35.22
CA PHE B 86 6.64 -33.05 -36.65
C PHE B 86 6.02 -34.40 -36.96
N ALA B 87 5.07 -34.40 -37.90
CA ALA B 87 4.40 -35.64 -38.27
C ALA B 87 5.37 -36.65 -38.87
N ASP B 88 6.26 -36.19 -39.73
CA ASP B 88 7.27 -37.06 -40.33
C ASP B 88 8.49 -37.13 -39.42
N SER B 89 9.20 -38.25 -39.49
CA SER B 89 10.41 -38.44 -38.69
C SER B 89 11.47 -37.43 -39.08
N THR B 90 11.77 -36.49 -38.18
CA THR B 90 12.73 -35.42 -38.44
C THR B 90 13.78 -35.42 -37.35
N LEU B 91 15.05 -35.36 -37.76
CA LEU B 91 16.18 -35.31 -36.83
C LEU B 91 16.70 -33.89 -36.77
N ILE B 92 16.75 -33.32 -35.56
CA ILE B 92 17.21 -31.95 -35.36
C ILE B 92 18.72 -31.97 -35.13
N ILE B 93 19.44 -31.19 -35.92
CA ILE B 93 20.88 -31.04 -35.79
C ILE B 93 21.21 -29.56 -35.67
N ARG B 94 21.76 -29.16 -34.53
CA ARG B 94 22.17 -27.77 -34.35
C ARG B 94 23.43 -27.51 -35.17
N CYS B 95 23.50 -26.30 -35.74
CA CYS B 95 24.56 -25.96 -36.67
C CYS B 95 25.19 -24.62 -36.29
N ASP B 96 26.46 -24.48 -36.65
CA ASP B 96 27.20 -23.23 -36.49
C ASP B 96 27.34 -22.55 -37.84
N ILE B 97 27.31 -21.21 -37.82
CA ILE B 97 27.45 -20.42 -39.03
C ILE B 97 28.93 -20.12 -39.24
N LEU B 98 29.46 -20.56 -40.37
CA LEU B 98 30.88 -20.40 -40.68
C LEU B 98 31.03 -19.65 -42.01
N GLU B 99 32.08 -18.84 -42.09
CA GLU B 99 32.37 -18.14 -43.33
C GLU B 99 32.92 -19.11 -44.37
N PRO B 100 32.56 -18.95 -45.64
CA PRO B 100 33.07 -19.87 -46.66
C PRO B 100 34.58 -19.76 -46.83
N GLY B 101 35.19 -20.87 -47.21
CA GLY B 101 36.62 -20.91 -47.43
C GLY B 101 37.43 -21.04 -46.16
N THR B 102 37.40 -20.00 -45.33
CA THR B 102 38.13 -20.04 -44.07
C THR B 102 37.56 -21.07 -43.10
N LEU B 103 36.25 -21.32 -43.19
CA LEU B 103 35.56 -22.28 -42.31
C LEU B 103 35.75 -21.91 -40.84
N GLN B 104 35.72 -20.62 -40.55
CA GLN B 104 35.82 -20.11 -39.19
C GLN B 104 34.48 -19.54 -38.75
N GLY B 105 34.28 -19.50 -37.44
CA GLY B 105 33.03 -19.04 -36.87
C GLY B 105 32.66 -17.62 -37.28
N TYR B 106 31.41 -17.43 -37.69
CA TYR B 106 30.94 -16.11 -38.06
C TYR B 106 30.95 -15.20 -36.84
N ASP B 107 31.39 -13.95 -37.05
CA ASP B 107 31.55 -13.02 -35.93
C ASP B 107 30.23 -12.69 -35.27
N ARG B 108 29.13 -12.70 -36.02
CA ARG B 108 27.82 -12.36 -35.48
C ARG B 108 27.01 -13.58 -35.06
N ASP B 109 27.59 -14.78 -35.16
CA ASP B 109 26.87 -15.98 -34.76
C ASP B 109 26.96 -16.15 -33.25
N PRO B 110 25.83 -16.16 -32.53
CA PRO B 110 25.91 -16.29 -31.06
C PRO B 110 26.57 -17.56 -30.58
N ARG B 111 26.34 -18.69 -31.26
CA ARG B 111 26.96 -19.95 -30.84
C ARG B 111 28.47 -19.89 -31.01
N SER B 112 28.93 -19.31 -32.12
CA SER B 112 30.37 -19.13 -32.31
C SER B 112 30.95 -18.21 -31.24
N ILE B 113 30.18 -17.18 -30.83
CA ILE B 113 30.64 -16.29 -29.78
C ILE B 113 30.78 -17.03 -28.46
N ALA B 114 29.80 -17.89 -28.14
CA ALA B 114 29.88 -18.66 -26.90
C ALA B 114 31.06 -19.63 -26.94
N LYS B 115 31.29 -20.27 -28.08
CA LYS B 115 32.44 -21.16 -28.20
C LYS B 115 33.75 -20.39 -28.04
N ARG B 116 33.82 -19.18 -28.62
CA ARG B 116 34.99 -18.33 -28.44
C ARG B 116 35.19 -17.97 -26.97
N ALA B 117 34.10 -17.69 -26.26
CA ALA B 117 34.20 -17.36 -24.84
C ALA B 117 34.73 -18.53 -24.05
N GLU B 118 34.24 -19.75 -24.34
CA GLU B 118 34.75 -20.93 -23.66
C GLU B 118 36.22 -21.15 -23.97
N ASP B 119 36.62 -20.96 -25.24
CA ASP B 119 38.01 -21.12 -25.61
C ASP B 119 38.89 -20.09 -24.90
N TYR B 120 38.41 -18.85 -24.77
CA TYR B 120 39.16 -17.83 -24.05
C TYR B 120 39.28 -18.18 -22.57
N LEU B 121 38.22 -18.72 -21.98
CA LEU B 121 38.29 -19.14 -20.59
C LEU B 121 39.32 -20.24 -20.40
N ARG B 122 39.38 -21.19 -21.34
CA ARG B 122 40.39 -22.24 -21.24
C ARG B 122 41.79 -21.69 -21.47
N SER B 123 41.94 -20.73 -22.39
CA SER B 123 43.25 -20.19 -22.72
C SER B 123 43.81 -19.33 -21.59
N THR B 124 42.95 -18.59 -20.88
CA THR B 124 43.43 -17.74 -19.80
C THR B 124 44.05 -18.56 -18.67
N GLY B 125 43.59 -19.80 -18.49
CA GLY B 125 44.10 -20.66 -17.45
C GLY B 125 43.39 -20.53 -16.11
N ILE B 126 42.36 -19.68 -16.02
CA ILE B 126 41.61 -19.56 -14.77
C ILE B 126 40.87 -20.84 -14.46
N ALA B 127 40.14 -21.37 -15.44
CA ALA B 127 39.34 -22.57 -15.25
C ALA B 127 39.20 -23.30 -16.57
N ASP B 128 38.77 -24.55 -16.50
CA ASP B 128 38.57 -25.38 -17.68
C ASP B 128 37.11 -25.48 -18.10
N THR B 129 36.17 -25.42 -17.15
CA THR B 129 34.76 -25.58 -17.44
C THR B 129 33.96 -24.51 -16.70
N VAL B 130 32.92 -23.99 -17.36
CA VAL B 130 31.99 -23.05 -16.76
C VAL B 130 30.59 -23.66 -16.83
N LEU B 131 29.88 -23.63 -15.71
CA LEU B 131 28.57 -24.25 -15.58
C LEU B 131 27.51 -23.18 -15.39
N PHE B 132 26.39 -23.33 -16.09
CA PHE B 132 25.30 -22.37 -16.05
C PHE B 132 24.02 -23.06 -15.57
N GLY B 133 23.26 -22.36 -14.74
CA GLY B 133 22.09 -22.92 -14.10
C GLY B 133 20.79 -22.15 -14.33
N PRO B 134 20.52 -21.73 -15.57
CA PRO B 134 19.39 -20.82 -15.81
C PRO B 134 18.07 -21.44 -15.37
N GLU B 135 17.17 -20.57 -14.91
CA GLU B 135 15.85 -20.96 -14.41
C GLU B 135 14.80 -20.12 -15.11
N PRO B 136 14.49 -20.42 -16.37
CA PRO B 136 13.51 -19.61 -17.10
C PRO B 136 12.10 -19.81 -16.58
N GLU B 137 11.27 -18.80 -16.79
CA GLU B 137 9.85 -18.85 -16.48
C GLU B 137 9.07 -18.43 -17.71
N PHE B 138 7.83 -18.90 -17.80
CA PHE B 138 6.99 -18.61 -18.97
C PHE B 138 5.54 -18.51 -18.53
N PHE B 139 4.75 -17.86 -19.38
CA PHE B 139 3.31 -17.72 -19.18
C PHE B 139 2.56 -18.58 -20.18
N LEU B 140 1.45 -19.17 -19.75
CA LEU B 140 0.56 -19.93 -20.62
C LEU B 140 -0.76 -19.17 -20.74
N PHE B 141 -1.10 -18.79 -21.97
CA PHE B 141 -2.29 -18.00 -22.23
C PHE B 141 -3.19 -18.73 -23.22
N ASP B 142 -4.50 -18.65 -22.99
CA ASP B 142 -5.45 -19.26 -23.91
C ASP B 142 -5.58 -18.46 -25.19
N ASP B 143 -5.57 -17.14 -25.09
CA ASP B 143 -5.70 -16.27 -26.26
C ASP B 143 -4.99 -14.95 -25.98
N ILE B 144 -4.25 -14.47 -26.97
CA ILE B 144 -3.57 -13.19 -26.90
C ILE B 144 -3.84 -12.43 -28.18
N ARG B 145 -4.25 -11.17 -28.06
CA ARG B 145 -4.54 -10.31 -29.19
C ARG B 145 -3.87 -8.97 -28.98
N PHE B 146 -3.00 -8.59 -29.91
CA PHE B 146 -2.33 -7.29 -29.87
C PHE B 146 -2.32 -6.68 -31.26
N GLY B 147 -2.25 -5.37 -31.30
CA GLY B 147 -2.22 -4.67 -32.58
C GLY B 147 -1.84 -3.21 -32.38
N SER B 148 -1.52 -2.56 -33.49
CA SER B 148 -1.15 -1.16 -33.48
C SER B 148 -1.43 -0.57 -34.85
N SER B 149 -1.85 0.69 -34.85
CA SER B 149 -2.15 1.41 -36.09
C SER B 149 -2.19 2.90 -35.78
N ILE B 150 -2.53 3.69 -36.80
CA ILE B 150 -2.65 5.13 -36.61
C ILE B 150 -3.82 5.45 -35.69
N SER B 151 -4.86 4.62 -35.69
CA SER B 151 -6.04 4.86 -34.86
C SER B 151 -5.80 4.52 -33.39
N GLY B 152 -4.78 3.73 -33.08
CA GLY B 152 -4.48 3.39 -31.71
C GLY B 152 -3.82 2.03 -31.63
N SER B 153 -3.61 1.60 -30.39
CA SER B 153 -2.99 0.31 -30.11
C SER B 153 -3.78 -0.39 -29.01
N HIS B 154 -3.65 -1.71 -28.96
CA HIS B 154 -4.37 -2.50 -27.96
C HIS B 154 -3.62 -3.80 -27.71
N VAL B 155 -3.81 -4.33 -26.49
CA VAL B 155 -3.30 -5.65 -26.13
C VAL B 155 -4.32 -6.29 -25.19
N ALA B 156 -4.62 -7.56 -25.45
CA ALA B 156 -5.60 -8.29 -24.66
C ALA B 156 -5.09 -9.70 -24.37
N ILE B 157 -5.06 -10.06 -23.09
CA ILE B 157 -4.61 -11.37 -22.64
C ILE B 157 -5.77 -12.05 -21.95
N ASP B 158 -6.08 -13.28 -22.39
CA ASP B 158 -7.17 -14.06 -21.83
C ASP B 158 -6.69 -15.46 -21.50
N ASP B 159 -6.97 -15.92 -20.29
CA ASP B 159 -6.68 -17.28 -19.88
C ASP B 159 -7.68 -17.70 -18.82
N ILE B 160 -7.97 -19.00 -18.78
CA ILE B 160 -8.93 -19.52 -17.81
C ILE B 160 -8.43 -19.31 -16.39
N GLU B 161 -7.12 -19.47 -16.17
CA GLU B 161 -6.54 -19.29 -14.85
C GLU B 161 -6.51 -17.82 -14.43
N GLY B 162 -6.78 -16.89 -15.34
CA GLY B 162 -6.77 -15.48 -15.01
C GLY B 162 -7.74 -15.10 -13.91
N ALA B 163 -7.27 -14.31 -12.94
CA ALA B 163 -8.11 -13.91 -11.82
C ALA B 163 -9.26 -12.99 -12.26
N TRP B 164 -9.14 -12.35 -13.41
CA TRP B 164 -10.20 -11.45 -13.90
C TRP B 164 -11.36 -12.21 -14.51
N ASN B 165 -11.23 -13.52 -14.72
CA ASN B 165 -12.28 -14.33 -15.32
C ASN B 165 -13.23 -14.93 -14.29
N SER B 166 -13.26 -14.38 -13.07
CA SER B 166 -14.16 -14.88 -12.05
C SER B 166 -15.63 -14.65 -12.40
N SER B 167 -15.93 -13.70 -13.28
CA SER B 167 -17.29 -13.44 -13.71
C SER B 167 -17.49 -13.65 -15.21
N THR B 168 -16.48 -14.12 -15.92
CA THR B 168 -16.60 -14.33 -17.36
C THR B 168 -17.48 -15.53 -17.66
N GLN B 169 -18.42 -15.36 -18.58
CA GLN B 169 -19.28 -16.47 -18.99
C GLN B 169 -18.50 -17.46 -19.85
N TYR B 170 -18.84 -18.73 -19.70
CA TYR B 170 -18.20 -19.80 -20.46
C TYR B 170 -19.22 -20.80 -20.99
N GLY B 176 -14.86 -22.82 -10.96
CA GLY B 176 -14.59 -21.45 -10.56
C GLY B 176 -13.40 -21.32 -9.63
N HIS B 177 -12.40 -22.18 -9.83
CA HIS B 177 -11.19 -22.19 -9.02
C HIS B 177 -10.06 -21.58 -9.84
N ARG B 178 -9.59 -20.41 -9.42
CA ARG B 178 -8.53 -19.70 -10.10
C ARG B 178 -7.53 -19.16 -9.09
N PRO B 179 -6.26 -19.07 -9.45
CA PRO B 179 -5.29 -18.44 -8.56
C PRO B 179 -5.43 -16.93 -8.55
N ALA B 180 -5.38 -16.36 -7.35
CA ALA B 180 -5.48 -14.92 -7.21
C ALA B 180 -4.20 -14.24 -7.71
N VAL B 181 -4.27 -12.91 -7.83
CA VAL B 181 -3.10 -12.17 -8.28
C VAL B 181 -1.98 -12.31 -7.26
N LYS B 182 -0.79 -12.62 -7.74
CA LYS B 182 0.38 -12.87 -6.90
C LYS B 182 0.13 -13.99 -5.90
N GLY B 183 -0.73 -14.94 -6.26
CA GLY B 183 -1.08 -16.03 -5.37
C GLY B 183 -1.19 -17.38 -6.07
N GLY B 184 -0.45 -17.55 -7.16
CA GLY B 184 -0.47 -18.80 -7.88
C GLY B 184 0.70 -19.70 -7.57
N TYR B 185 1.43 -19.39 -6.51
CA TYR B 185 2.61 -20.15 -6.13
C TYR B 185 2.19 -21.35 -5.29
N PHE B 186 2.40 -22.55 -5.84
CA PHE B 186 2.06 -23.81 -5.19
C PHE B 186 0.60 -23.87 -4.75
N PRO B 187 -0.35 -23.81 -5.68
CA PRO B 187 -1.76 -23.99 -5.32
C PRO B 187 -2.11 -25.47 -5.26
N VAL B 188 -3.35 -25.75 -4.89
CA VAL B 188 -3.86 -27.12 -4.91
C VAL B 188 -4.01 -27.55 -6.37
N PRO B 189 -3.95 -28.84 -6.67
CA PRO B 189 -4.02 -29.29 -8.07
C PRO B 189 -5.25 -28.79 -8.81
N PRO B 190 -6.44 -28.72 -8.16
CA PRO B 190 -7.59 -28.15 -8.89
C PRO B 190 -7.39 -26.72 -9.35
N VAL B 191 -6.70 -25.89 -8.57
CA VAL B 191 -6.62 -24.47 -8.91
C VAL B 191 -5.75 -24.27 -10.15
N ASP B 192 -4.59 -24.89 -10.20
CA ASP B 192 -3.69 -24.76 -11.35
C ASP B 192 -4.05 -25.81 -12.39
N SER B 193 -4.29 -25.35 -13.62
CA SER B 193 -4.73 -26.22 -14.71
C SER B 193 -3.59 -26.66 -15.62
N ALA B 194 -2.34 -26.40 -15.23
CA ALA B 194 -1.19 -26.69 -16.07
C ALA B 194 -0.35 -27.85 -15.53
N GLN B 195 -0.93 -28.70 -14.68
CA GLN B 195 -0.18 -29.85 -14.17
C GLN B 195 0.15 -30.84 -15.28
N ASP B 196 -0.87 -31.23 -16.06
CA ASP B 196 -0.64 -32.16 -17.16
C ASP B 196 0.25 -31.54 -18.23
N ILE B 197 0.06 -30.26 -18.52
CA ILE B 197 0.89 -29.59 -19.52
C ILE B 197 2.34 -29.56 -19.09
N ARG B 198 2.59 -29.23 -17.82
CA ARG B 198 3.97 -29.21 -17.32
C ARG B 198 4.57 -30.61 -17.30
N SER B 199 3.79 -31.62 -16.92
CA SER B 199 4.30 -32.99 -16.93
C SER B 199 4.67 -33.43 -18.35
N GLU B 200 3.82 -33.11 -19.31
CA GLU B 200 4.13 -33.43 -20.71
C GLU B 200 5.38 -32.69 -21.17
N MET B 201 5.52 -31.42 -20.79
CA MET B 201 6.70 -30.66 -21.15
C MET B 201 7.96 -31.30 -20.57
N CYS B 202 7.91 -31.73 -19.31
CA CYS B 202 9.06 -32.37 -18.69
C CYS B 202 9.39 -33.68 -19.40
N LEU B 203 8.37 -34.48 -19.72
CA LEU B 203 8.61 -35.76 -20.37
C LEU B 203 9.24 -35.56 -21.75
N VAL B 204 8.72 -34.63 -22.54
CA VAL B 204 9.27 -34.43 -23.87
C VAL B 204 10.62 -33.72 -23.84
N MET B 205 10.88 -32.92 -22.79
CA MET B 205 12.20 -32.36 -22.61
C MET B 205 13.22 -33.43 -22.31
N GLU B 206 12.88 -34.36 -21.40
CA GLU B 206 13.77 -35.48 -21.14
C GLU B 206 13.93 -36.38 -22.36
N GLN B 207 12.91 -36.44 -23.21
CA GLN B 207 13.02 -37.16 -24.46
C GLN B 207 13.98 -36.48 -25.43
N MET B 208 14.26 -35.19 -25.24
CA MET B 208 15.13 -34.44 -26.13
C MET B 208 16.51 -34.18 -25.53
N GLY B 209 16.90 -34.97 -24.52
CA GLY B 209 18.21 -34.85 -23.93
C GLY B 209 18.30 -33.96 -22.71
N LEU B 210 17.24 -33.24 -22.37
CA LEU B 210 17.25 -32.40 -21.18
C LEU B 210 17.11 -33.24 -19.92
N VAL B 211 17.55 -32.68 -18.80
CA VAL B 211 17.38 -33.27 -17.48
C VAL B 211 16.54 -32.31 -16.66
N VAL B 212 15.41 -32.80 -16.16
CA VAL B 212 14.43 -31.98 -15.47
C VAL B 212 14.51 -32.25 -13.98
N GLU B 213 14.60 -31.18 -13.18
CA GLU B 213 14.62 -31.31 -11.73
C GLU B 213 13.21 -31.27 -11.14
N ALA B 214 12.47 -30.19 -11.40
CA ALA B 214 11.11 -30.07 -10.89
C ALA B 214 10.34 -29.07 -11.75
N HIS B 215 9.02 -29.15 -11.66
CA HIS B 215 8.14 -28.21 -12.32
C HIS B 215 7.02 -27.81 -11.37
N HIS B 216 6.59 -26.55 -11.47
CA HIS B 216 5.58 -26.03 -10.57
C HIS B 216 4.97 -24.76 -11.15
N HIS B 217 3.81 -24.39 -10.63
CA HIS B 217 3.17 -23.13 -10.98
C HIS B 217 3.86 -21.98 -10.24
N GLU B 218 4.00 -20.85 -10.94
CA GLU B 218 4.70 -19.70 -10.39
C GLU B 218 3.72 -18.70 -9.79
N VAL B 219 4.26 -17.61 -9.26
CA VAL B 219 3.49 -16.69 -8.42
C VAL B 219 2.38 -16.03 -9.22
N ALA B 220 2.70 -15.55 -10.42
CA ALA B 220 1.75 -14.78 -11.19
C ALA B 220 0.56 -15.64 -11.63
N THR B 221 -0.60 -15.00 -11.74
CA THR B 221 -1.80 -15.67 -12.22
C THR B 221 -1.75 -15.76 -13.73
N ALA B 222 -2.87 -16.16 -14.34
CA ALA B 222 -2.98 -16.34 -15.80
C ALA B 222 -1.96 -17.35 -16.32
N GLY B 223 -1.62 -18.33 -15.48
CA GLY B 223 -0.78 -19.43 -15.92
C GLY B 223 0.69 -19.12 -16.10
N GLN B 224 1.39 -18.80 -15.01
CA GLN B 224 2.84 -18.69 -15.02
C GLN B 224 3.43 -19.98 -14.45
N ASN B 225 4.31 -20.62 -15.23
CA ASN B 225 4.86 -21.91 -14.87
C ASN B 225 6.38 -21.90 -15.05
N GLU B 226 7.05 -22.75 -14.28
CA GLU B 226 8.50 -22.89 -14.35
C GLU B 226 8.86 -24.38 -14.36
N VAL B 227 9.69 -24.78 -15.32
CA VAL B 227 10.24 -26.12 -15.39
C VAL B 227 11.73 -26.02 -15.14
N ALA B 228 12.20 -26.63 -14.06
CA ALA B 228 13.60 -26.56 -13.69
C ALA B 228 14.42 -27.61 -14.44
N THR B 229 15.59 -27.19 -14.93
CA THR B 229 16.49 -28.07 -15.66
C THR B 229 17.87 -28.06 -15.01
N ARG B 230 18.57 -29.18 -15.14
CA ARG B 230 19.88 -29.31 -14.53
C ARG B 230 20.90 -28.44 -15.25
N PHE B 231 21.96 -28.08 -14.51
CA PHE B 231 23.02 -27.27 -15.07
C PHE B 231 23.85 -28.06 -16.08
N ASN B 232 24.63 -27.32 -16.87
CA ASN B 232 25.52 -27.91 -17.86
C ASN B 232 26.54 -26.85 -18.26
N THR B 233 27.45 -27.24 -19.16
CA THR B 233 28.43 -26.28 -19.65
C THR B 233 27.74 -25.23 -20.52
N MET B 234 28.45 -24.12 -20.73
CA MET B 234 27.81 -22.88 -21.20
C MET B 234 27.15 -23.08 -22.56
N THR B 235 27.89 -23.58 -23.55
CA THR B 235 27.31 -23.76 -24.88
C THR B 235 26.22 -24.81 -24.87
N LYS B 236 26.46 -25.94 -24.20
CA LYS B 236 25.44 -26.98 -24.11
C LYS B 236 24.23 -26.49 -23.34
N LYS B 237 24.43 -25.66 -22.32
CA LYS B 237 23.30 -25.13 -21.59
C LYS B 237 22.50 -24.13 -22.42
N ALA B 238 23.17 -23.34 -23.26
CA ALA B 238 22.43 -22.45 -24.16
C ALA B 238 21.63 -23.26 -25.18
N ASP B 239 22.21 -24.34 -25.71
CA ASP B 239 21.44 -25.21 -26.59
C ASP B 239 20.25 -25.82 -25.85
N GLU B 240 20.45 -26.21 -24.60
CA GLU B 240 19.36 -26.76 -23.80
C GLU B 240 18.29 -25.73 -23.55
N ILE B 241 18.67 -24.47 -23.39
CA ILE B 241 17.68 -23.41 -23.20
C ILE B 241 16.87 -23.20 -24.49
N GLN B 242 17.53 -23.26 -25.64
CA GLN B 242 16.81 -23.17 -26.90
C GLN B 242 15.83 -24.34 -27.05
N ILE B 243 16.28 -25.55 -26.71
CA ILE B 243 15.39 -26.71 -26.76
C ILE B 243 14.24 -26.55 -25.78
N TYR B 244 14.51 -25.97 -24.62
CA TYR B 244 13.47 -25.71 -23.62
C TYR B 244 12.41 -24.77 -24.17
N LYS B 245 12.84 -23.68 -24.81
CA LYS B 245 11.89 -22.74 -25.39
C LYS B 245 11.06 -23.40 -26.49
N TYR B 246 11.72 -24.16 -27.36
CA TYR B 246 11.01 -24.84 -28.44
C TYR B 246 9.99 -25.83 -27.89
N VAL B 247 10.39 -26.60 -26.89
CA VAL B 247 9.49 -27.58 -26.29
C VAL B 247 8.30 -26.90 -25.64
N VAL B 248 8.54 -25.83 -24.87
CA VAL B 248 7.45 -25.14 -24.20
C VAL B 248 6.46 -24.59 -25.23
N HIS B 249 6.99 -23.94 -26.28
CA HIS B 249 6.11 -23.36 -27.29
C HIS B 249 5.28 -24.43 -27.98
N ASN B 250 5.91 -25.54 -28.39
CA ASN B 250 5.18 -26.53 -29.17
C ASN B 250 4.19 -27.31 -28.31
N VAL B 251 4.55 -27.61 -27.06
CA VAL B 251 3.62 -28.32 -26.19
C VAL B 251 2.44 -27.43 -25.84
N ALA B 252 2.68 -26.13 -25.64
CA ALA B 252 1.57 -25.20 -25.43
C ALA B 252 0.67 -25.14 -26.66
N HIS B 253 1.26 -25.14 -27.85
CA HIS B 253 0.46 -25.10 -29.07
C HIS B 253 -0.38 -26.36 -29.22
N ARG B 254 0.20 -27.53 -28.90
CA ARG B 254 -0.53 -28.77 -29.06
C ARG B 254 -1.63 -28.97 -28.02
N PHE B 255 -1.59 -28.20 -26.93
CA PHE B 255 -2.63 -28.25 -25.91
C PHE B 255 -3.66 -27.15 -26.07
N GLY B 256 -3.59 -26.37 -27.15
CA GLY B 256 -4.49 -25.26 -27.35
C GLY B 256 -4.15 -24.01 -26.57
N LYS B 257 -2.95 -23.93 -26.02
CA LYS B 257 -2.50 -22.79 -25.25
C LYS B 257 -1.50 -21.98 -26.06
N THR B 258 -1.05 -20.87 -25.47
CA THR B 258 -0.03 -20.01 -26.07
C THR B 258 1.01 -19.71 -25.01
N ALA B 259 2.27 -20.02 -25.30
CA ALA B 259 3.36 -19.82 -24.37
C ALA B 259 4.19 -18.62 -24.79
N THR B 260 4.48 -17.75 -23.83
CA THR B 260 5.32 -16.58 -24.07
C THR B 260 6.42 -16.52 -23.01
N PHE B 261 7.61 -16.12 -23.44
CA PHE B 261 8.73 -15.85 -22.55
C PHE B 261 8.95 -14.36 -22.34
N MET B 262 7.93 -13.55 -22.57
CA MET B 262 8.05 -12.12 -22.38
C MET B 262 8.30 -11.81 -20.90
N PRO B 263 9.17 -10.85 -20.59
CA PRO B 263 9.47 -10.57 -19.17
C PRO B 263 8.27 -10.13 -18.36
N LYS B 264 7.55 -9.11 -18.80
CA LYS B 264 6.42 -8.54 -18.05
C LYS B 264 5.21 -8.42 -18.96
N PRO B 265 4.55 -9.55 -19.26
CA PRO B 265 3.32 -9.48 -20.08
C PRO B 265 2.20 -8.69 -19.42
N MET B 266 2.11 -8.72 -18.09
CA MET B 266 1.00 -8.09 -17.38
C MET B 266 1.54 -7.16 -16.31
N PHE B 267 0.76 -6.12 -16.03
CA PHE B 267 1.07 -5.17 -14.96
C PHE B 267 0.27 -5.52 -13.71
N GLY B 268 0.92 -5.41 -12.56
CA GLY B 268 0.31 -5.82 -11.31
C GLY B 268 0.51 -7.27 -10.94
N ASP B 269 1.16 -8.05 -11.79
CA ASP B 269 1.46 -9.45 -11.53
C ASP B 269 2.95 -9.67 -11.68
N ASN B 270 3.42 -10.78 -11.12
CA ASN B 270 4.85 -11.10 -11.15
C ASN B 270 5.31 -11.36 -12.58
N GLY B 271 6.50 -10.86 -12.90
CA GLY B 271 7.08 -11.07 -14.20
C GLY B 271 7.84 -12.39 -14.30
N SER B 272 8.46 -12.60 -15.46
CA SER B 272 9.25 -13.78 -15.73
C SER B 272 10.73 -13.42 -15.70
N GLY B 273 11.52 -14.20 -14.95
CA GLY B 273 12.94 -13.98 -14.86
C GLY B 273 13.70 -15.26 -15.17
N MET B 274 15.01 -15.09 -15.36
CA MET B 274 15.92 -16.20 -15.66
C MET B 274 17.13 -16.06 -14.75
N HIS B 275 17.06 -16.67 -13.58
CA HIS B 275 18.19 -16.66 -12.66
C HIS B 275 19.29 -17.58 -13.17
N CYS B 276 20.49 -17.03 -13.34
CA CYS B 276 21.63 -17.76 -13.88
C CYS B 276 22.61 -18.05 -12.77
N HIS B 277 23.03 -19.31 -12.67
CA HIS B 277 23.97 -19.77 -11.67
C HIS B 277 25.33 -20.00 -12.32
N MET B 278 26.39 -19.49 -11.68
CA MET B 278 27.73 -19.55 -12.23
C MET B 278 28.61 -20.45 -11.38
N SER B 279 29.47 -21.23 -12.06
CA SER B 279 30.43 -22.08 -11.37
C SER B 279 31.60 -22.31 -12.31
N LEU B 280 32.81 -22.07 -11.81
CA LEU B 280 34.04 -22.32 -12.56
C LEU B 280 34.75 -23.52 -11.97
N SER B 281 35.11 -24.47 -12.83
CA SER B 281 35.74 -25.71 -12.40
C SER B 281 37.06 -25.91 -13.15
N LYS B 282 38.07 -26.36 -12.41
CA LYS B 282 39.38 -26.65 -12.99
C LYS B 282 39.86 -27.98 -12.43
N ASN B 283 40.06 -28.96 -13.31
CA ASN B 283 40.52 -30.30 -12.93
C ASN B 283 39.58 -30.96 -11.92
N GLY B 284 38.29 -30.68 -12.06
CA GLY B 284 37.27 -31.36 -11.28
C GLY B 284 36.91 -30.71 -9.96
N VAL B 285 37.63 -29.68 -9.53
CA VAL B 285 37.31 -29.01 -8.27
C VAL B 285 36.61 -27.70 -8.58
N ASN B 286 35.77 -27.26 -7.64
CA ASN B 286 35.00 -26.04 -7.79
C ASN B 286 35.81 -24.86 -7.28
N LEU B 287 36.16 -23.94 -8.18
CA LEU B 287 36.95 -22.78 -7.79
C LEU B 287 36.16 -21.79 -6.94
N PHE B 288 34.85 -21.82 -7.00
CA PHE B 288 34.02 -20.88 -6.24
C PHE B 288 33.91 -21.27 -4.77
N ALA B 289 34.42 -22.43 -4.38
CA ALA B 289 34.38 -22.87 -2.99
C ALA B 289 35.65 -22.42 -2.28
N GLY B 290 35.48 -21.84 -1.09
CA GLY B 290 36.61 -21.36 -0.32
C GLY B 290 36.27 -21.09 1.13
N ASP B 291 37.00 -20.16 1.76
CA ASP B 291 36.80 -19.81 3.16
C ASP B 291 36.38 -18.36 3.33
N LYS B 292 35.91 -17.71 2.27
CA LYS B 292 35.44 -16.34 2.33
C LYS B 292 33.95 -16.33 2.68
N TYR B 293 33.32 -15.17 2.49
CA TYR B 293 31.91 -15.01 2.84
C TYR B 293 31.04 -16.05 2.15
N ALA B 294 30.16 -16.68 2.93
CA ALA B 294 29.21 -17.68 2.43
C ALA B 294 29.92 -18.85 1.74
N GLY B 295 31.10 -19.19 2.21
CA GLY B 295 31.85 -20.30 1.65
C GLY B 295 32.50 -20.02 0.31
N LEU B 296 32.50 -18.77 -0.15
CA LEU B 296 33.06 -18.42 -1.44
C LEU B 296 34.58 -18.37 -1.36
N SER B 297 35.20 -18.26 -2.53
CA SER B 297 36.64 -18.08 -2.65
C SER B 297 36.94 -16.68 -3.18
N GLU B 298 38.24 -16.37 -3.25
CA GLU B 298 38.65 -15.08 -3.77
C GLU B 298 38.29 -14.93 -5.23
N GLN B 299 38.43 -16.02 -6.01
CA GLN B 299 38.05 -15.98 -7.42
C GLN B 299 36.55 -15.70 -7.58
N ALA B 300 35.73 -16.29 -6.71
CA ALA B 300 34.30 -16.04 -6.78
C ALA B 300 33.97 -14.58 -6.47
N LEU B 301 34.66 -14.01 -5.47
CA LEU B 301 34.44 -12.60 -5.15
C LEU B 301 34.88 -11.71 -6.31
N TYR B 302 35.99 -12.04 -6.97
CA TYR B 302 36.43 -11.28 -8.13
C TYR B 302 35.42 -11.40 -9.27
N TYR B 303 34.84 -12.58 -9.46
CA TYR B 303 33.80 -12.78 -10.45
C TYR B 303 32.59 -11.90 -10.15
N ILE B 304 32.17 -11.86 -8.88
CA ILE B 304 31.04 -11.03 -8.49
C ILE B 304 31.35 -9.56 -8.75
N GLY B 305 32.56 -9.13 -8.40
CA GLY B 305 32.94 -7.74 -8.64
C GLY B 305 32.95 -7.38 -10.11
N GLY B 306 33.46 -8.29 -10.95
CA GLY B 306 33.44 -8.04 -12.38
C GLY B 306 32.04 -7.97 -12.94
N VAL B 307 31.15 -8.83 -12.45
CA VAL B 307 29.75 -8.76 -12.87
C VAL B 307 29.12 -7.44 -12.44
N ILE B 308 29.40 -7.00 -11.22
CA ILE B 308 28.80 -5.77 -10.69
C ILE B 308 29.30 -4.57 -11.48
N LYS B 309 30.60 -4.52 -11.78
CA LYS B 309 31.16 -3.35 -12.45
C LYS B 309 30.56 -3.13 -13.82
N HIS B 310 30.39 -4.21 -14.59
CA HIS B 310 29.90 -4.12 -15.96
C HIS B 310 28.41 -4.41 -16.09
N ALA B 311 27.70 -4.52 -14.97
CA ALA B 311 26.34 -5.05 -14.98
C ALA B 311 25.45 -4.32 -15.97
N LYS B 312 25.63 -3.01 -16.12
CA LYS B 312 24.85 -2.27 -17.11
C LYS B 312 25.19 -2.72 -18.52
N ALA B 313 26.45 -3.03 -18.78
CA ALA B 313 26.83 -3.53 -20.10
C ALA B 313 26.23 -4.90 -20.37
N ILE B 314 26.19 -5.77 -19.35
CA ILE B 314 25.52 -7.05 -19.52
C ILE B 314 24.02 -6.85 -19.75
N ASN B 315 23.43 -5.83 -19.11
CA ASN B 315 21.98 -5.64 -19.21
C ASN B 315 21.52 -5.52 -20.66
N ALA B 316 22.37 -5.02 -21.56
CA ALA B 316 22.02 -4.96 -22.96
C ALA B 316 21.82 -6.34 -23.59
N LEU B 317 22.46 -7.37 -23.03
CA LEU B 317 22.39 -8.72 -23.56
C LEU B 317 21.52 -9.65 -22.73
N ALA B 318 21.49 -9.46 -21.41
CA ALA B 318 20.67 -10.24 -20.50
C ALA B 318 19.30 -9.63 -20.29
N ASN B 319 19.05 -8.42 -20.80
CA ASN B 319 17.72 -7.82 -20.82
C ASN B 319 17.55 -7.07 -22.14
N PRO B 320 17.40 -7.80 -23.24
CA PRO B 320 17.41 -7.15 -24.56
C PRO B 320 16.18 -6.33 -24.87
N THR B 321 15.09 -6.50 -24.12
CA THR B 321 13.79 -5.94 -24.48
C THR B 321 13.44 -4.76 -23.58
N THR B 322 12.54 -3.92 -24.09
CA THR B 322 11.99 -2.84 -23.28
C THR B 322 11.10 -3.37 -22.18
N ASN B 323 10.41 -4.49 -22.41
CA ASN B 323 9.61 -5.12 -21.38
C ASN B 323 10.46 -5.72 -20.26
N SER B 324 11.75 -5.96 -20.54
CA SER B 324 12.63 -6.49 -19.50
C SER B 324 12.80 -5.51 -18.35
N TYR B 325 12.64 -4.22 -18.61
CA TYR B 325 12.78 -3.20 -17.59
C TYR B 325 11.44 -2.80 -16.98
N LYS B 326 10.34 -3.39 -17.44
CA LYS B 326 9.07 -3.26 -16.72
C LYS B 326 9.06 -4.11 -15.47
N ARG B 327 9.83 -5.20 -15.45
CA ARG B 327 9.97 -6.04 -14.27
C ARG B 327 11.17 -5.66 -13.41
N LEU B 328 12.09 -4.87 -13.94
CA LEU B 328 13.25 -4.40 -13.19
C LEU B 328 12.95 -3.12 -12.42
N VAL B 329 11.71 -2.66 -12.42
CA VAL B 329 11.32 -1.49 -11.63
C VAL B 329 11.43 -1.85 -10.15
N PRO B 330 12.05 -1.00 -9.32
CA PRO B 330 12.14 -1.32 -7.89
C PRO B 330 10.76 -1.44 -7.24
N GLY B 331 10.64 -2.40 -6.34
CA GLY B 331 9.38 -2.65 -5.66
C GLY B 331 8.67 -3.88 -6.13
N TYR B 332 9.42 -4.89 -6.56
CA TYR B 332 8.87 -6.14 -7.05
C TYR B 332 9.79 -7.27 -6.64
N GLU B 333 9.48 -8.49 -7.12
CA GLU B 333 10.31 -9.64 -6.78
C GLU B 333 11.68 -9.57 -7.43
N ALA B 334 11.77 -9.02 -8.63
CA ALA B 334 13.05 -8.96 -9.33
C ALA B 334 13.99 -8.00 -8.63
N PRO B 335 15.17 -8.43 -8.19
CA PRO B 335 16.09 -7.52 -7.52
C PRO B 335 16.70 -6.53 -8.49
N VAL B 336 17.08 -5.37 -7.96
CA VAL B 336 17.60 -4.28 -8.77
C VAL B 336 18.93 -3.73 -8.26
N MET B 337 19.29 -3.96 -7.00
CA MET B 337 20.50 -3.36 -6.44
C MET B 337 21.73 -4.16 -6.83
N LEU B 338 22.82 -3.45 -7.14
CA LEU B 338 24.07 -4.07 -7.56
C LEU B 338 24.90 -4.42 -6.33
N ALA B 339 24.49 -5.51 -5.67
CA ALA B 339 25.20 -6.01 -4.50
C ALA B 339 24.96 -7.50 -4.39
N TYR B 340 25.80 -8.16 -3.59
CA TYR B 340 25.73 -9.60 -3.38
C TYR B 340 25.50 -9.90 -1.91
N SER B 341 24.62 -10.86 -1.64
CA SER B 341 24.34 -11.29 -0.28
C SER B 341 23.75 -12.69 -0.32
N ALA B 342 23.89 -13.41 0.78
CA ALA B 342 23.34 -14.76 0.90
C ALA B 342 21.98 -14.80 1.55
N ARG B 343 21.49 -13.69 2.09
CA ARG B 343 20.20 -13.68 2.78
C ARG B 343 19.30 -12.57 2.27
N ASN B 344 19.89 -11.47 1.81
CA ASN B 344 19.11 -10.31 1.40
C ASN B 344 18.40 -10.58 0.09
N ARG B 345 17.09 -10.30 0.06
CA ARG B 345 16.30 -10.52 -1.16
C ARG B 345 16.53 -9.42 -2.19
N SER B 346 16.91 -8.23 -1.76
CA SER B 346 17.07 -7.10 -2.68
C SER B 346 18.37 -7.15 -3.48
N ALA B 347 19.28 -8.05 -3.14
CA ALA B 347 20.55 -8.17 -3.87
C ALA B 347 20.33 -8.88 -5.20
N SER B 348 20.87 -8.31 -6.27
CA SER B 348 20.74 -8.94 -7.59
C SER B 348 21.58 -10.21 -7.68
N ILE B 349 22.71 -10.25 -6.98
CA ILE B 349 23.58 -11.42 -6.94
C ILE B 349 23.35 -12.13 -5.62
N ARG B 350 23.00 -13.41 -5.69
CA ARG B 350 22.71 -14.20 -4.50
C ARG B 350 23.64 -15.39 -4.43
N ILE B 351 23.91 -15.83 -3.20
CA ILE B 351 24.73 -17.02 -2.97
C ILE B 351 23.85 -18.13 -2.41
N PRO B 352 23.48 -19.11 -3.23
CA PRO B 352 22.66 -20.22 -2.71
C PRO B 352 23.40 -21.01 -1.65
N VAL B 353 22.65 -21.50 -0.68
CA VAL B 353 23.19 -22.36 0.36
C VAL B 353 23.12 -23.81 -0.12
N VAL B 354 24.24 -24.51 -0.03
CA VAL B 354 24.35 -25.87 -0.53
C VAL B 354 24.98 -26.75 0.55
N SER B 355 24.75 -28.06 0.41
CA SER B 355 25.27 -29.01 1.39
C SER B 355 26.76 -29.27 1.22
N SER B 356 27.27 -29.22 0.00
CA SER B 356 28.66 -29.57 -0.26
C SER B 356 29.37 -28.44 -1.01
N PRO B 357 30.67 -28.28 -0.78
CA PRO B 357 31.42 -27.25 -1.51
C PRO B 357 31.51 -27.50 -3.01
N LYS B 358 31.28 -28.74 -3.46
CA LYS B 358 31.38 -29.04 -4.88
C LYS B 358 30.29 -28.37 -5.71
N ALA B 359 29.24 -27.86 -5.05
CA ALA B 359 28.13 -27.24 -5.75
C ALA B 359 27.95 -25.78 -5.37
N ARG B 360 28.97 -25.15 -4.80
CA ARG B 360 28.87 -23.74 -4.44
C ARG B 360 28.92 -22.88 -5.70
N ARG B 361 27.96 -21.98 -5.83
CA ARG B 361 27.76 -21.24 -7.07
C ARG B 361 27.35 -19.82 -6.75
N ILE B 362 27.43 -18.96 -7.77
CA ILE B 362 27.01 -17.57 -7.69
C ILE B 362 25.78 -17.40 -8.57
N GLU B 363 24.68 -16.96 -7.97
CA GLU B 363 23.42 -16.80 -8.66
C GLU B 363 23.19 -15.34 -8.99
N VAL B 364 22.95 -15.05 -10.26
CA VAL B 364 22.60 -13.72 -10.73
C VAL B 364 21.14 -13.73 -11.16
N ARG B 365 20.41 -12.67 -10.83
CA ARG B 365 18.96 -12.70 -10.92
C ARG B 365 18.35 -11.66 -11.85
N PHE B 366 19.12 -10.71 -12.35
CA PHE B 366 18.52 -9.71 -13.24
C PHE B 366 18.18 -10.22 -14.65
N PRO B 367 18.90 -11.19 -15.24
CA PRO B 367 18.59 -11.58 -16.62
C PRO B 367 17.17 -12.12 -16.77
N ASP B 368 16.59 -11.90 -17.95
CA ASP B 368 15.24 -12.31 -18.29
C ASP B 368 15.26 -13.47 -19.27
N PRO B 369 14.17 -14.24 -19.35
CA PRO B 369 14.12 -15.34 -20.34
C PRO B 369 14.15 -14.87 -21.78
N ALA B 370 13.81 -13.61 -22.06
CA ALA B 370 13.85 -13.10 -23.42
C ALA B 370 15.26 -12.89 -23.93
N ALA B 371 16.27 -13.00 -23.07
CA ALA B 371 17.64 -12.78 -23.49
C ALA B 371 18.14 -13.89 -24.40
N ASN B 372 19.06 -13.54 -25.27
CA ASN B 372 19.75 -14.53 -26.09
C ASN B 372 20.64 -15.37 -25.18
N PRO B 373 20.46 -16.69 -25.13
CA PRO B 373 21.26 -17.49 -24.19
C PRO B 373 22.76 -17.39 -24.43
N TYR B 374 23.20 -17.57 -25.68
CA TYR B 374 24.62 -17.54 -25.98
C TYR B 374 25.24 -16.19 -25.62
N LEU B 375 24.61 -15.10 -26.10
CA LEU B 375 25.16 -13.77 -25.85
C LEU B 375 25.16 -13.42 -24.38
N CYS B 376 24.07 -13.70 -23.68
CA CYS B 376 23.98 -13.37 -22.26
C CYS B 376 25.01 -14.16 -21.45
N PHE B 377 25.14 -15.46 -21.73
CA PHE B 377 26.10 -16.28 -21.00
C PHE B 377 27.53 -15.83 -21.30
N ALA B 378 27.83 -15.52 -22.56
CA ALA B 378 29.17 -15.04 -22.91
C ALA B 378 29.47 -13.71 -22.24
N ALA B 379 28.50 -12.80 -22.20
CA ALA B 379 28.73 -11.52 -21.54
C ALA B 379 29.00 -11.70 -20.06
N LEU B 380 28.20 -12.54 -19.39
CA LEU B 380 28.43 -12.76 -17.96
C LEU B 380 29.78 -13.41 -17.70
N LEU B 381 30.14 -14.40 -18.52
CA LEU B 381 31.42 -15.08 -18.34
C LEU B 381 32.59 -14.12 -18.57
N MET B 382 32.49 -13.28 -19.60
CA MET B 382 33.54 -12.32 -19.89
C MET B 382 33.67 -11.28 -18.78
N ALA B 383 32.54 -10.82 -18.24
CA ALA B 383 32.58 -9.88 -17.13
C ALA B 383 33.25 -10.52 -15.91
N GLY B 384 32.90 -11.76 -15.61
CA GLY B 384 33.55 -12.45 -14.50
C GLY B 384 35.03 -12.64 -14.72
N LEU B 385 35.42 -13.00 -15.94
CA LEU B 385 36.84 -13.18 -16.24
C LEU B 385 37.60 -11.88 -16.13
N ASP B 386 37.01 -10.78 -16.60
CA ASP B 386 37.64 -9.47 -16.45
C ASP B 386 37.80 -9.10 -14.99
N GLY B 387 36.77 -9.37 -14.18
CA GLY B 387 36.88 -9.11 -12.75
C GLY B 387 37.96 -9.92 -12.10
N ILE B 388 38.10 -11.19 -12.50
CA ILE B 388 39.14 -12.05 -11.92
C ILE B 388 40.52 -11.55 -12.33
N LYS B 389 40.69 -11.22 -13.61
CA LYS B 389 41.99 -10.77 -14.10
C LYS B 389 42.41 -9.45 -13.47
N ASN B 390 41.49 -8.51 -13.35
CA ASN B 390 41.79 -7.20 -12.78
C ASN B 390 41.63 -7.16 -11.26
N LYS B 391 41.20 -8.27 -10.65
CA LYS B 391 41.05 -8.37 -9.20
C LYS B 391 40.15 -7.26 -8.65
N ILE B 392 38.91 -7.26 -9.13
CA ILE B 392 37.92 -6.27 -8.72
C ILE B 392 37.19 -6.81 -7.49
N HIS B 393 37.50 -6.25 -6.33
CA HIS B 393 36.84 -6.67 -5.11
C HIS B 393 35.44 -6.07 -5.05
N PRO B 394 34.40 -6.89 -4.88
CA PRO B 394 33.03 -6.35 -4.86
C PRO B 394 32.75 -5.45 -3.66
N GLY B 395 33.53 -5.56 -2.59
CA GLY B 395 33.29 -4.76 -1.41
C GLY B 395 32.85 -5.59 -0.23
N GLU B 396 31.64 -5.33 0.26
CA GLU B 396 31.08 -6.06 1.39
C GLU B 396 29.67 -6.52 1.05
N ALA B 397 29.26 -7.63 1.64
CA ALA B 397 27.94 -8.17 1.40
C ALA B 397 26.86 -7.23 1.93
N MET B 398 25.71 -7.24 1.27
CA MET B 398 24.59 -6.39 1.67
C MET B 398 23.79 -7.07 2.79
N ASP B 399 24.48 -7.32 3.89
CA ASP B 399 23.86 -7.83 5.11
C ASP B 399 23.36 -6.63 5.91
N LYS B 400 22.05 -6.48 6.01
CA LYS B 400 21.46 -5.28 6.59
C LYS B 400 21.73 -5.24 8.09
N ASN B 401 22.69 -4.41 8.48
CA ASN B 401 22.90 -4.07 9.88
C ASN B 401 22.26 -2.72 10.17
N LEU B 402 21.93 -2.49 11.43
CA LEU B 402 21.22 -1.28 11.82
C LEU B 402 22.11 -0.04 11.89
N TYR B 403 23.32 -0.13 11.35
CA TYR B 403 24.24 0.99 11.36
C TYR B 403 24.50 1.51 9.96
N LYS B 411 29.17 6.17 -0.51
CA LYS B 411 29.17 4.75 -0.87
C LYS B 411 27.78 4.29 -1.28
N GLU B 412 27.19 4.99 -2.25
CA GLU B 412 25.85 4.64 -2.71
C GLU B 412 25.90 3.36 -3.54
N ILE B 413 24.98 2.45 -3.25
CA ILE B 413 24.94 1.16 -3.95
C ILE B 413 24.55 1.40 -5.41
N PRO B 414 25.30 0.85 -6.36
CA PRO B 414 24.92 1.03 -7.77
C PRO B 414 23.64 0.32 -8.13
N GLN B 415 23.22 0.41 -9.39
CA GLN B 415 21.96 -0.16 -9.82
C GLN B 415 22.07 -0.59 -11.28
N VAL B 416 21.19 -1.49 -11.69
CA VAL B 416 21.15 -1.95 -13.07
C VAL B 416 20.53 -0.85 -13.93
N ALA B 417 20.64 -0.98 -15.24
CA ALA B 417 20.08 0.01 -16.14
C ALA B 417 18.57 0.08 -15.98
N GLY B 418 18.04 1.31 -15.88
CA GLY B 418 16.62 1.52 -15.77
C GLY B 418 15.87 1.54 -17.07
N SER B 419 16.58 1.52 -18.20
CA SER B 419 15.96 1.53 -19.51
C SER B 419 16.88 0.82 -20.49
N LEU B 420 16.31 0.40 -21.63
CA LEU B 420 17.11 -0.27 -22.65
C LEU B 420 18.11 0.69 -23.29
N GLU B 421 17.73 1.96 -23.45
CA GLU B 421 18.64 2.93 -24.04
C GLU B 421 19.90 3.09 -23.20
N GLU B 422 19.75 3.14 -21.87
CA GLU B 422 20.91 3.27 -21.00
C GLU B 422 21.82 2.05 -21.09
N ALA B 423 21.22 0.85 -21.13
CA ALA B 423 22.02 -0.36 -21.24
C ALA B 423 22.77 -0.41 -22.57
N LEU B 424 22.10 0.00 -23.65
CA LEU B 424 22.75 0.01 -24.95
C LEU B 424 23.91 1.02 -24.98
N ASN B 425 23.70 2.20 -24.38
CA ASN B 425 24.78 3.18 -24.31
C ASN B 425 25.95 2.66 -23.49
N GLU B 426 25.67 1.97 -22.37
CA GLU B 426 26.74 1.41 -21.57
C GLU B 426 27.50 0.32 -22.32
N LEU B 427 26.78 -0.50 -23.08
CA LEU B 427 27.43 -1.50 -23.91
C LEU B 427 28.30 -0.84 -24.97
N ASP B 428 27.83 0.27 -25.54
CA ASP B 428 28.63 1.01 -26.52
C ASP B 428 29.91 1.54 -25.87
N LEU B 429 29.81 2.04 -24.63
CA LEU B 429 30.97 2.61 -23.97
C LEU B 429 31.85 1.53 -23.36
N ASP B 430 31.27 0.67 -22.52
CA ASP B 430 32.03 -0.39 -21.84
C ASP B 430 31.91 -1.69 -22.65
N ARG B 431 32.71 -1.77 -23.71
CA ARG B 431 32.74 -2.92 -24.58
C ARG B 431 34.10 -3.61 -24.62
N GLU B 432 35.07 -3.11 -23.87
CA GLU B 432 36.41 -3.69 -23.88
C GLU B 432 36.50 -5.02 -23.13
N PHE B 433 35.69 -5.19 -22.08
CA PHE B 433 35.76 -6.42 -21.30
C PHE B 433 35.26 -7.63 -22.09
N LEU B 434 34.35 -7.42 -23.03
CA LEU B 434 33.82 -8.50 -23.87
C LEU B 434 34.49 -8.57 -25.23
N LYS B 435 35.45 -7.72 -25.52
CA LYS B 435 36.28 -7.82 -26.72
C LYS B 435 37.58 -8.56 -26.48
N ALA B 436 37.83 -9.00 -25.25
CA ALA B 436 39.07 -9.70 -24.94
C ALA B 436 39.09 -11.07 -25.60
N GLY B 437 40.20 -11.39 -26.27
CA GLY B 437 40.33 -12.67 -26.92
C GLY B 437 39.53 -12.85 -28.19
N GLY B 438 38.94 -11.77 -28.71
CA GLY B 438 38.15 -11.89 -29.91
C GLY B 438 36.81 -12.58 -29.73
N VAL B 439 36.30 -12.63 -28.50
CA VAL B 439 34.99 -13.24 -28.27
C VAL B 439 33.92 -12.45 -29.00
N PHE B 440 33.97 -11.13 -28.88
CA PHE B 440 33.12 -10.22 -29.63
C PHE B 440 33.98 -9.31 -30.49
N THR B 441 33.51 -9.02 -31.70
CA THR B 441 34.14 -8.02 -32.56
C THR B 441 33.25 -6.79 -32.61
N ASP B 442 33.87 -5.63 -32.85
CA ASP B 442 33.15 -4.36 -32.78
C ASP B 442 31.93 -4.35 -33.70
N GLU B 443 32.04 -5.03 -34.84
CA GLU B 443 30.90 -5.09 -35.75
C GLU B 443 29.72 -5.81 -35.10
N ALA B 444 29.99 -6.85 -34.32
CA ALA B 444 28.91 -7.56 -33.65
C ALA B 444 28.17 -6.67 -32.65
N ILE B 445 28.93 -5.93 -31.83
CA ILE B 445 28.29 -5.02 -30.88
C ILE B 445 27.50 -3.94 -31.62
N ASP B 446 28.07 -3.40 -32.70
CA ASP B 446 27.38 -2.36 -33.45
C ASP B 446 26.07 -2.88 -34.03
N ALA B 447 26.10 -4.08 -34.61
CA ALA B 447 24.87 -4.65 -35.18
C ALA B 447 23.84 -4.93 -34.11
N TYR B 448 24.26 -5.52 -32.99
CA TYR B 448 23.33 -5.81 -31.91
C TYR B 448 22.70 -4.52 -31.38
N ILE B 449 23.52 -3.47 -31.23
CA ILE B 449 23.02 -2.18 -30.76
C ILE B 449 22.02 -1.61 -31.76
N ALA B 450 22.31 -1.71 -33.06
CA ALA B 450 21.39 -1.18 -34.06
C ALA B 450 20.05 -1.91 -34.02
N LEU B 451 20.07 -3.24 -33.97
CA LEU B 451 18.82 -4.00 -33.92
C LEU B 451 18.02 -3.69 -32.65
N ARG B 452 18.71 -3.57 -31.50
CA ARG B 452 17.97 -3.25 -30.28
C ARG B 452 17.46 -1.81 -30.28
N ARG B 453 18.22 -0.89 -30.89
CA ARG B 453 17.79 0.50 -30.95
C ARG B 453 16.58 0.67 -31.86
N GLU B 454 16.48 -0.15 -32.91
CA GLU B 454 15.28 -0.10 -33.75
C GLU B 454 14.03 -0.41 -32.93
N GLU B 455 14.07 -1.48 -32.13
CA GLU B 455 12.94 -1.82 -31.28
C GLU B 455 12.70 -0.75 -30.22
N ASP B 456 13.78 -0.20 -29.65
CA ASP B 456 13.62 0.85 -28.65
C ASP B 456 12.94 2.07 -29.24
N ASP B 457 13.33 2.46 -30.46
CA ASP B 457 12.70 3.60 -31.12
C ASP B 457 11.24 3.31 -31.43
N ARG B 458 10.93 2.09 -31.88
CA ARG B 458 9.54 1.74 -32.13
C ARG B 458 8.70 1.83 -30.88
N VAL B 459 9.22 1.36 -29.75
CA VAL B 459 8.46 1.41 -28.50
C VAL B 459 8.31 2.84 -28.01
N ARG B 460 9.39 3.63 -28.11
CA ARG B 460 9.37 4.98 -27.55
C ARG B 460 8.51 5.94 -28.38
N MET B 461 8.54 5.79 -29.71
CA MET B 461 7.83 6.72 -30.57
C MET B 461 6.33 6.45 -30.66
N THR B 462 5.85 5.32 -30.11
CA THR B 462 4.43 5.13 -30.27
C THR B 462 3.68 5.56 -29.00
N PRO B 463 2.50 6.15 -29.15
CA PRO B 463 1.71 6.54 -27.98
C PRO B 463 1.32 5.34 -27.14
N HIS B 464 1.27 5.56 -25.83
CA HIS B 464 0.91 4.54 -24.85
C HIS B 464 -0.55 4.72 -24.43
N PRO B 465 -1.33 3.65 -24.33
CA PRO B 465 -2.71 3.80 -23.87
C PRO B 465 -2.83 4.41 -22.48
N VAL B 466 -1.85 4.18 -21.60
CA VAL B 466 -1.87 4.79 -20.29
C VAL B 466 -1.73 6.30 -20.38
N GLU B 467 -1.02 6.79 -21.39
CA GLU B 467 -0.87 8.23 -21.57
C GLU B 467 -2.21 8.91 -21.81
N PHE B 468 -3.17 8.21 -22.41
CA PHE B 468 -4.48 8.79 -22.62
C PHE B 468 -5.27 8.86 -21.32
N GLU B 469 -4.97 8.00 -20.36
CA GLU B 469 -5.60 8.08 -19.04
C GLU B 469 -5.04 9.21 -18.20
N LEU B 470 -3.93 9.82 -18.61
CA LEU B 470 -3.28 10.87 -17.84
C LEU B 470 -3.27 12.21 -18.55
N TYR B 471 -3.07 12.24 -19.87
CA TYR B 471 -2.86 13.48 -20.61
C TYR B 471 -3.84 13.59 -21.78
N TYR B 472 -5.12 13.32 -21.52
CA TYR B 472 -6.16 13.57 -22.52
C TYR B 472 -6.99 14.80 -22.20
N SER B 473 -7.33 15.01 -20.93
CA SER B 473 -8.08 16.19 -20.51
C SER B 473 -7.16 17.35 -20.12
N VAL B 474 -5.85 17.17 -20.22
CA VAL B 474 -4.91 18.23 -19.89
C VAL B 474 -4.00 18.52 -21.08
N GLU C 8 10.52 24.70 36.90
CA GLU C 8 10.84 24.41 38.30
C GLU C 8 10.53 22.94 38.62
N GLU C 9 9.25 22.63 38.78
CA GLU C 9 8.80 21.28 39.08
C GLU C 9 7.96 20.74 37.93
N THR C 10 8.03 19.43 37.73
CA THR C 10 7.36 18.77 36.62
C THR C 10 6.33 17.78 37.15
N ILE C 11 5.73 17.03 36.23
CA ILE C 11 4.75 16.02 36.61
C ILE C 11 5.40 14.95 37.48
N PHE C 12 6.61 14.51 37.10
CA PHE C 12 7.31 13.50 37.88
C PHE C 12 7.60 13.98 39.30
N SER C 13 7.74 15.29 39.49
CA SER C 13 7.93 15.82 40.84
C SER C 13 6.72 15.52 41.72
N LYS C 14 5.52 15.70 41.18
CA LYS C 14 4.31 15.37 41.92
C LYS C 14 4.12 13.86 42.02
N ILE C 15 4.58 13.11 41.03
CA ILE C 15 4.46 11.65 41.07
C ILE C 15 5.32 11.08 42.20
N ILE C 16 6.52 11.65 42.40
CA ILE C 16 7.37 11.22 43.49
C ILE C 16 6.68 11.43 44.82
N ARG C 17 6.04 12.60 45.00
CA ARG C 17 5.27 12.87 46.21
C ARG C 17 3.99 12.05 46.29
N ARG C 18 3.63 11.33 45.21
CA ARG C 18 2.41 10.54 45.14
C ARG C 18 1.16 11.41 45.30
N GLU C 19 1.27 12.69 44.94
CA GLU C 19 0.11 13.58 44.98
C GLU C 19 -0.86 13.31 43.85
N ILE C 20 -0.43 12.60 42.81
CA ILE C 20 -1.29 12.29 41.68
C ILE C 20 -1.43 10.77 41.53
N ASP C 23 1.09 4.59 37.58
CA ASP C 23 1.32 3.16 37.47
C ASP C 23 2.77 2.83 37.82
N ILE C 24 3.07 2.83 39.12
CA ILE C 24 4.42 2.55 39.58
C ILE C 24 4.76 1.09 39.32
N VAL C 25 5.97 0.84 38.84
CA VAL C 25 6.47 -0.51 38.61
C VAL C 25 7.43 -0.94 39.71
N TYR C 26 8.44 -0.12 39.99
CA TYR C 26 9.39 -0.38 41.07
C TYR C 26 9.77 0.93 41.72
N GLN C 27 9.81 0.94 43.05
CA GLN C 27 10.14 2.13 43.83
C GLN C 27 11.40 1.86 44.64
N ASP C 28 12.33 2.80 44.59
CA ASP C 28 13.58 2.71 45.34
C ASP C 28 13.82 4.06 46.03
N ASP C 29 14.85 4.09 46.88
CA ASP C 29 15.15 5.32 47.60
C ASP C 29 15.47 6.48 46.65
N LEU C 30 16.11 6.19 45.52
CA LEU C 30 16.44 7.21 44.54
C LEU C 30 15.90 6.92 43.15
N VAL C 31 15.23 5.80 42.95
CA VAL C 31 14.77 5.38 41.63
C VAL C 31 13.30 4.98 41.73
N THR C 32 12.48 5.45 40.80
CA THR C 32 11.10 5.03 40.67
C THR C 32 10.82 4.65 39.22
N ALA C 33 10.06 3.58 39.04
CA ALA C 33 9.75 3.06 37.71
C ALA C 33 8.27 3.18 37.43
N PHE C 34 7.93 3.52 36.19
CA PHE C 34 6.55 3.70 35.77
C PHE C 34 6.28 2.89 34.52
N ARG C 35 5.02 2.55 34.31
CA ARG C 35 4.60 1.82 33.13
C ARG C 35 4.02 2.76 32.08
N ILE C 37 3.57 6.21 29.91
CA ILE C 37 2.14 6.12 30.11
C ILE C 37 1.46 5.75 28.79
N SER C 38 2.14 6.04 27.68
CA SER C 38 1.66 5.69 26.34
C SER C 38 2.55 4.59 25.79
N PRO C 39 2.05 3.36 25.68
CA PRO C 39 2.92 2.26 25.22
C PRO C 39 3.39 2.43 23.79
N GLN C 40 4.69 2.68 23.63
CA GLN C 40 5.31 2.73 22.31
C GLN C 40 5.89 1.38 21.89
N ALA C 41 6.20 0.53 22.86
CA ALA C 41 6.71 -0.81 22.67
C ALA C 41 5.89 -1.77 23.52
N PRO C 42 5.93 -3.07 23.22
CA PRO C 42 5.20 -4.02 24.07
C PRO C 42 5.59 -3.96 25.54
N THR C 43 6.84 -3.59 25.84
CA THR C 43 7.29 -3.38 27.22
C THR C 43 7.97 -2.02 27.27
N HIS C 44 7.18 -0.98 27.52
CA HIS C 44 7.67 0.40 27.60
C HIS C 44 7.59 0.83 29.06
N ILE C 45 8.74 0.87 29.73
CA ILE C 45 8.81 1.20 31.15
C ILE C 45 9.87 2.29 31.33
N LEU C 46 9.50 3.34 32.07
CA LEU C 46 10.37 4.50 32.26
C LEU C 46 11.02 4.46 33.63
N ILE C 47 12.19 5.10 33.73
CA ILE C 47 12.94 5.21 34.98
C ILE C 47 13.36 6.66 35.15
N ILE C 48 13.11 7.22 36.33
CA ILE C 48 13.45 8.60 36.63
C ILE C 48 14.20 8.64 37.96
N PRO C 49 14.99 9.68 38.19
CA PRO C 49 15.61 9.84 39.51
C PRO C 49 14.65 10.49 40.49
N ASN C 50 14.72 10.05 41.75
CA ASN C 50 13.90 10.67 42.79
C ASN C 50 14.27 12.13 42.97
N ILE C 51 15.57 12.43 42.96
CA ILE C 51 16.01 13.83 43.00
C ILE C 51 15.75 14.48 41.65
N LEU C 52 15.12 15.64 41.66
CA LEU C 52 14.76 16.32 40.42
C LEU C 52 16.01 16.82 39.71
N ILE C 53 16.18 16.40 38.46
CA ILE C 53 17.26 16.90 37.60
C ILE C 53 16.62 17.45 36.33
N PRO C 54 16.64 18.77 36.12
CA PRO C 54 15.95 19.34 34.95
C PRO C 54 16.44 18.81 33.62
N THR C 55 17.75 18.58 33.49
CA THR C 55 18.31 18.09 32.24
C THR C 55 19.57 17.31 32.56
N VAL C 56 19.81 16.25 31.78
CA VAL C 56 20.91 15.33 32.08
C VAL C 56 22.27 16.01 32.03
N ASN C 57 22.41 17.11 31.29
CA ASN C 57 23.69 17.82 31.30
C ASN C 57 23.94 18.46 32.65
N ASP C 58 22.88 18.81 33.39
CA ASP C 58 22.98 19.44 34.68
C ASP C 58 23.14 18.44 35.83
N VAL C 59 23.56 17.21 35.53
CA VAL C 59 23.75 16.22 36.58
C VAL C 59 24.92 16.62 37.46
N SER C 60 24.69 16.65 38.77
CA SER C 60 25.74 16.96 39.72
C SER C 60 26.35 15.68 40.27
N ALA C 61 27.62 15.76 40.64
CA ALA C 61 28.31 14.62 41.22
C ALA C 61 27.69 14.19 42.54
N GLU C 62 26.95 15.08 43.22
CA GLU C 62 26.31 14.71 44.47
C GLU C 62 25.24 13.64 44.24
N HIS C 63 24.49 13.74 43.14
CA HIS C 63 23.43 12.79 42.84
C HIS C 63 23.80 11.83 41.71
N GLU C 64 25.09 11.72 41.37
CA GLU C 64 25.50 10.87 40.26
C GLU C 64 25.44 9.38 40.60
N GLN C 65 25.28 9.03 41.87
CA GLN C 65 25.28 7.62 42.25
C GLN C 65 23.99 6.91 41.84
N ALA C 66 22.86 7.61 41.86
CA ALA C 66 21.60 7.00 41.46
C ALA C 66 21.57 6.69 39.96
N LEU C 67 22.47 7.28 39.19
CA LEU C 67 22.50 7.02 37.75
C LEU C 67 22.79 5.56 37.46
N GLY C 68 23.73 4.96 38.19
CA GLY C 68 23.98 3.54 38.03
C GLY C 68 22.83 2.67 38.51
N ARG C 69 22.21 3.05 39.63
CA ARG C 69 21.03 2.34 40.09
C ARG C 69 19.90 2.40 39.06
N MET C 70 19.87 3.44 38.22
CA MET C 70 18.90 3.46 37.13
C MET C 70 19.04 2.22 36.25
N ILE C 71 20.25 1.95 35.76
CA ILE C 71 20.45 0.78 34.90
C ILE C 71 20.31 -0.50 35.71
N THR C 72 20.67 -0.49 36.99
CA THR C 72 20.47 -1.66 37.83
C THR C 72 18.98 -2.02 37.89
N VAL C 73 18.13 -1.03 38.14
CA VAL C 73 16.68 -1.26 38.16
C VAL C 73 16.19 -1.64 36.78
N ALA C 74 16.78 -1.08 35.73
CA ALA C 74 16.39 -1.46 34.37
C ALA C 74 16.66 -2.93 34.11
N ALA C 75 17.82 -3.42 34.54
CA ALA C 75 18.13 -4.84 34.39
C ALA C 75 17.19 -5.70 35.24
N LYS C 76 16.89 -5.25 36.45
CA LYS C 76 15.96 -5.98 37.30
C LYS C 76 14.59 -6.10 36.63
N ILE C 77 14.12 -5.01 36.04
CA ILE C 77 12.83 -5.02 35.36
C ILE C 77 12.88 -5.92 34.13
N ALA C 78 13.96 -5.84 33.36
CA ALA C 78 14.10 -6.68 32.17
C ALA C 78 14.06 -8.15 32.54
N GLU C 79 14.72 -8.52 33.63
CA GLU C 79 14.58 -9.89 34.14
C GLU C 79 13.13 -10.16 34.55
N GLN C 80 12.50 -9.21 35.24
CA GLN C 80 11.12 -9.39 35.67
C GLN C 80 10.17 -9.45 34.47
N GLU C 81 10.37 -8.58 33.49
CA GLU C 81 9.48 -8.52 32.33
C GLU C 81 9.71 -9.67 31.35
N GLY C 82 10.82 -10.39 31.47
CA GLY C 82 11.10 -11.49 30.56
C GLY C 82 11.57 -11.07 29.19
N ILE C 83 11.91 -9.79 28.98
CA ILE C 83 12.38 -9.33 27.69
C ILE C 83 13.89 -9.32 27.57
N ALA C 84 14.61 -9.74 28.61
CA ALA C 84 16.07 -9.77 28.55
C ALA C 84 16.59 -10.81 27.56
N GLU C 85 15.74 -11.74 27.14
CA GLU C 85 16.14 -12.76 26.18
C GLU C 85 15.88 -12.36 24.73
N ASP C 86 15.30 -11.18 24.50
CA ASP C 86 14.96 -10.72 23.16
C ASP C 86 15.80 -9.52 22.72
N GLY C 87 15.82 -8.45 23.51
CA GLY C 87 16.53 -7.26 23.14
C GLY C 87 15.84 -5.99 23.60
N TYR C 88 16.60 -5.04 24.11
CA TYR C 88 16.02 -3.82 24.65
C TYR C 88 17.00 -2.67 24.48
N ARG C 89 16.45 -1.45 24.52
CA ARG C 89 17.22 -0.22 24.38
C ARG C 89 17.04 0.63 25.63
N LEU C 90 18.07 1.36 26.00
CA LEU C 90 18.03 2.35 27.08
C LEU C 90 18.27 3.70 26.44
N ILE C 91 17.18 4.41 26.14
CA ILE C 91 17.22 5.65 25.37
C ILE C 91 16.90 6.82 26.30
N MET C 92 17.76 7.84 26.27
CA MET C 92 17.53 9.09 26.98
C MET C 92 17.49 10.23 25.98
N ASN C 93 16.38 10.94 25.93
CA ASN C 93 16.21 12.10 25.06
C ASN C 93 16.48 13.37 25.84
N THR C 94 17.20 14.30 25.22
CA THR C 94 17.65 15.50 25.91
C THR C 94 17.41 16.73 25.04
N ASN C 95 16.94 17.80 25.68
CA ASN C 95 16.78 19.14 25.09
C ASN C 95 15.85 19.06 23.87
N ARG C 96 16.03 19.98 22.92
CA ARG C 96 15.10 20.09 21.80
C ARG C 96 15.33 18.98 20.76
N HIS C 97 16.59 18.76 20.39
CA HIS C 97 16.88 17.75 19.37
C HIS C 97 16.48 16.36 19.84
N GLY C 98 16.76 16.03 21.09
CA GLY C 98 16.27 14.79 21.66
C GLY C 98 14.75 14.79 21.80
N GLY C 99 14.18 15.93 22.14
CA GLY C 99 12.73 16.04 22.27
C GLY C 99 12.26 15.95 23.71
N GLN C 100 13.04 16.48 24.64
CA GLN C 100 12.70 16.39 26.05
C GLN C 100 11.34 17.03 26.31
N GLU C 101 10.36 16.20 26.67
CA GLU C 101 9.00 16.65 26.90
C GLU C 101 8.67 16.86 28.37
N VAL C 102 9.19 16.00 29.26
CA VAL C 102 8.93 16.15 30.69
C VAL C 102 9.92 17.08 31.36
N TYR C 103 10.97 17.51 30.67
CA TYR C 103 11.98 18.42 31.21
C TYR C 103 12.56 17.87 32.50
N HIS C 104 12.76 16.54 32.52
CA HIS C 104 13.33 15.85 33.66
C HIS C 104 13.97 14.56 33.14
N ILE C 105 14.97 14.06 33.84
CA ILE C 105 15.67 12.87 33.38
C ILE C 105 14.70 11.70 33.31
N ASN C 106 14.67 11.03 32.17
CA ASN C 106 13.77 9.91 31.96
C ASN C 106 14.41 8.95 30.97
N MET C 107 14.85 7.80 31.47
CA MET C 107 15.47 6.78 30.63
C MET C 107 14.41 5.75 30.25
N HIS C 108 14.34 5.44 28.95
CA HIS C 108 13.33 4.53 28.44
C HIS C 108 13.88 3.12 28.33
N LEU C 109 13.16 2.16 28.90
CA LEU C 109 13.45 0.74 28.76
C LEU C 109 12.40 0.17 27.82
N LEU C 110 12.78 -0.08 26.57
CA LEU C 110 11.85 -0.44 25.52
C LEU C 110 12.24 -1.79 24.92
N GLY C 111 11.25 -2.62 24.67
CA GLY C 111 11.51 -3.93 24.11
C GLY C 111 10.23 -4.68 23.85
N GLY C 112 10.36 -5.99 23.69
CA GLY C 112 9.25 -6.87 23.43
C GLY C 112 9.04 -7.20 21.95
N ARG C 113 9.61 -6.41 21.06
CA ARG C 113 9.55 -6.64 19.63
C ARG C 113 10.88 -6.24 19.03
N PRO C 114 11.22 -6.76 17.84
CA PRO C 114 12.47 -6.35 17.18
C PRO C 114 12.54 -4.84 16.99
N LEU C 115 13.48 -4.21 17.69
CA LEU C 115 13.64 -2.77 17.59
C LEU C 115 14.42 -2.42 16.33
N GLY C 116 14.07 -1.28 15.73
CA GLY C 116 14.72 -0.83 14.53
C GLY C 116 16.10 -0.27 14.80
N PRO C 117 16.63 0.51 13.86
CA PRO C 117 17.96 1.11 14.06
C PRO C 117 17.96 2.18 15.14
N MET C 118 19.12 2.80 15.36
CA MET C 118 19.22 3.83 16.39
C MET C 118 18.31 5.01 16.09
N LEU C 119 18.27 5.45 14.84
CA LEU C 119 17.34 6.51 14.44
C LEU C 119 16.91 6.26 13.00
N ALA C 120 15.77 6.85 12.65
CA ALA C 120 15.13 6.60 11.35
C ALA C 120 15.70 7.57 10.32
N HIS C 121 16.81 7.16 9.71
CA HIS C 121 17.50 7.90 8.64
C HIS C 121 17.50 9.42 8.85
N GLU D 8 34.87 -13.57 25.73
CA GLU D 8 36.11 -12.96 26.20
C GLU D 8 36.12 -11.46 25.95
N GLU D 9 37.31 -10.91 25.74
CA GLU D 9 37.45 -9.48 25.51
C GLU D 9 37.00 -9.11 24.10
N THR D 10 36.89 -7.81 23.86
CA THR D 10 36.50 -7.26 22.57
C THR D 10 37.56 -6.27 22.12
N ILE D 11 37.33 -5.67 20.95
CA ILE D 11 38.24 -4.64 20.45
C ILE D 11 38.26 -3.44 21.38
N PHE D 12 37.12 -3.14 22.02
CA PHE D 12 37.09 -2.05 22.98
C PHE D 12 37.98 -2.34 24.19
N SER D 13 38.20 -3.62 24.51
CA SER D 13 39.19 -3.95 25.53
C SER D 13 40.58 -3.52 25.08
N LYS D 14 40.92 -3.76 23.82
CA LYS D 14 42.20 -3.31 23.28
C LYS D 14 42.30 -1.79 23.30
N ILE D 15 41.20 -1.10 22.99
CA ILE D 15 41.22 0.35 23.03
C ILE D 15 41.39 0.85 24.46
N ILE D 16 40.80 0.14 25.43
CA ILE D 16 41.02 0.45 26.84
C ILE D 16 42.50 0.29 27.19
N ARG D 17 43.11 -0.78 26.70
CA ARG D 17 44.54 -0.99 26.91
C ARG D 17 45.40 0.06 26.23
N ARG D 18 44.82 0.87 25.35
CA ARG D 18 45.52 1.89 24.57
C ARG D 18 46.53 1.29 23.60
N GLU D 19 46.40 0.01 23.29
CA GLU D 19 47.27 -0.62 22.31
C GLU D 19 46.95 -0.20 20.89
N ILE D 20 45.78 0.40 20.66
CA ILE D 20 45.39 0.84 19.33
C ILE D 20 45.07 2.32 19.34
N ASP D 23 40.71 6.99 18.50
CA ASP D 23 40.53 8.41 18.81
C ASP D 23 39.93 8.58 20.20
N ILE D 24 40.78 8.60 21.21
CA ILE D 24 40.32 8.77 22.58
C ILE D 24 39.85 10.19 22.80
N VAL D 25 38.65 10.35 23.34
CA VAL D 25 38.08 11.65 23.64
C VAL D 25 38.32 12.05 25.09
N TYR D 26 38.16 11.11 26.01
CA TYR D 26 38.44 11.36 27.42
C TYR D 26 38.80 10.04 28.08
N GLN D 27 39.64 10.11 29.10
CA GLN D 27 40.12 8.95 29.82
C GLN D 27 39.85 9.11 31.30
N ASP D 28 39.43 8.03 31.95
CA ASP D 28 39.17 8.03 33.38
C ASP D 28 39.43 6.63 33.90
N ASP D 29 39.45 6.51 35.23
CA ASP D 29 39.70 5.22 35.86
C ASP D 29 38.66 4.18 35.47
N LEU D 30 37.44 4.61 35.14
CA LEU D 30 36.36 3.68 34.84
C LEU D 30 35.67 3.91 33.50
N VAL D 31 35.73 5.11 32.93
CA VAL D 31 34.97 5.44 31.73
C VAL D 31 35.87 6.16 30.74
N THR D 32 35.77 5.77 29.46
CA THR D 32 36.51 6.42 28.39
C THR D 32 35.56 6.69 27.22
N ALA D 33 35.86 7.73 26.46
CA ALA D 33 35.05 8.16 25.34
C ALA D 33 35.85 8.11 24.05
N PHE D 34 35.23 7.62 22.98
CA PHE D 34 35.90 7.45 21.70
C PHE D 34 34.99 7.92 20.58
N ARG D 35 35.61 8.35 19.48
CA ARG D 35 34.88 8.73 18.28
C ARG D 35 34.52 7.50 17.46
N ASP D 36 33.35 7.54 16.84
CA ASP D 36 32.88 6.41 16.07
C ASP D 36 33.62 6.34 14.73
N ILE D 37 33.97 5.12 14.33
CA ILE D 37 34.61 4.93 13.03
C ILE D 37 33.65 5.28 11.90
N SER D 38 32.37 5.00 12.08
CA SER D 38 31.33 5.31 11.11
C SER D 38 30.28 6.18 11.81
N PRO D 39 30.53 7.49 11.92
CA PRO D 39 29.60 8.36 12.64
C PRO D 39 28.20 8.36 12.05
N GLN D 40 27.24 7.85 12.83
CA GLN D 40 25.85 7.81 12.38
C GLN D 40 25.16 9.15 12.55
N ALA D 41 25.78 10.07 13.29
CA ALA D 41 25.30 11.42 13.50
C ALA D 41 26.45 12.39 13.30
N PRO D 42 26.17 13.67 13.05
CA PRO D 42 27.27 14.63 12.88
C PRO D 42 28.23 14.67 14.05
N THR D 43 27.76 14.44 15.27
CA THR D 43 28.61 14.35 16.46
C THR D 43 28.26 13.05 17.17
N HIS D 44 28.90 11.96 16.75
CA HIS D 44 28.66 10.63 17.30
C HIS D 44 29.89 10.24 18.12
N ILE D 45 29.73 10.23 19.45
CA ILE D 45 30.81 9.88 20.36
C ILE D 45 30.35 8.70 21.20
N LEU D 46 31.15 7.63 21.23
CA LEU D 46 30.83 6.45 22.00
C LEU D 46 31.44 6.55 23.40
N ILE D 47 30.86 5.79 24.32
CA ILE D 47 31.31 5.75 25.71
C ILE D 47 31.21 4.33 26.22
N ILE D 48 32.30 3.83 26.80
CA ILE D 48 32.36 2.47 27.32
C ILE D 48 33.01 2.49 28.70
N PRO D 49 32.69 1.50 29.53
CA PRO D 49 33.40 1.36 30.80
C PRO D 49 34.79 0.78 30.59
N ASN D 50 35.66 1.05 31.58
CA ASN D 50 37.00 0.48 31.54
C ASN D 50 37.01 -1.00 31.92
N ILE D 51 36.05 -1.44 32.73
CA ILE D 51 35.95 -2.84 33.09
C ILE D 51 35.09 -3.57 32.06
N LEU D 52 35.54 -4.75 31.65
CA LEU D 52 34.88 -5.51 30.60
C LEU D 52 33.60 -6.13 31.15
N ILE D 53 32.46 -5.69 30.61
CA ILE D 53 31.16 -6.23 30.96
C ILE D 53 30.47 -6.63 29.67
N PRO D 54 29.97 -7.86 29.54
CA PRO D 54 29.37 -8.29 28.27
C PRO D 54 28.13 -7.48 27.89
N THR D 55 27.14 -7.46 28.77
CA THR D 55 25.90 -6.72 28.52
C THR D 55 25.48 -6.00 29.78
N VAL D 56 24.58 -5.04 29.61
CA VAL D 56 23.98 -4.38 30.76
C VAL D 56 23.16 -5.36 31.59
N ASN D 57 22.71 -6.45 30.97
CA ASN D 57 22.03 -7.51 31.73
C ASN D 57 22.97 -8.15 32.73
N ASP D 58 24.29 -8.07 32.51
CA ASP D 58 25.27 -8.65 33.40
C ASP D 58 25.78 -7.67 34.45
N VAL D 59 25.23 -6.45 34.49
CA VAL D 59 25.72 -5.44 35.42
C VAL D 59 25.38 -5.83 36.86
N SER D 60 26.39 -5.78 37.72
CA SER D 60 26.21 -6.00 39.15
C SER D 60 26.44 -4.69 39.90
N ALA D 61 26.11 -4.72 41.20
CA ALA D 61 26.23 -3.51 42.02
C ALA D 61 27.68 -3.09 42.23
N GLU D 62 28.64 -3.99 42.00
CA GLU D 62 30.04 -3.64 42.19
C GLU D 62 30.48 -2.54 41.24
N HIS D 63 30.10 -2.64 39.96
CA HIS D 63 30.51 -1.69 38.95
C HIS D 63 29.44 -0.63 38.67
N GLU D 64 28.34 -0.64 39.43
CA GLU D 64 27.28 0.35 39.20
C GLU D 64 27.77 1.76 39.50
N GLN D 65 28.88 1.92 40.22
CA GLN D 65 29.45 3.24 40.40
C GLN D 65 29.94 3.82 39.09
N ALA D 66 30.55 2.99 38.24
CA ALA D 66 31.04 3.45 36.96
C ALA D 66 29.92 3.78 35.98
N LEU D 67 28.75 3.19 36.16
CA LEU D 67 27.64 3.45 35.25
C LEU D 67 27.19 4.91 35.33
N GLY D 68 27.16 5.47 36.54
CA GLY D 68 26.90 6.89 36.67
C GLY D 68 28.02 7.74 36.09
N ARG D 69 29.26 7.28 36.25
CA ARG D 69 30.39 7.98 35.63
C ARG D 69 30.25 8.01 34.12
N MET D 70 29.63 7.00 33.54
CA MET D 70 29.35 7.02 32.10
C MET D 70 28.51 8.24 31.73
N ILE D 71 27.43 8.47 32.46
CA ILE D 71 26.55 9.59 32.16
C ILE D 71 27.24 10.91 32.45
N THR D 72 28.04 10.97 33.52
CA THR D 72 28.76 12.21 33.82
C THR D 72 29.75 12.54 32.70
N VAL D 73 30.47 11.54 32.21
CA VAL D 73 31.39 11.75 31.09
C VAL D 73 30.61 12.15 29.84
N ALA D 74 29.42 11.59 29.65
CA ALA D 74 28.59 11.97 28.51
C ALA D 74 28.23 13.45 28.58
N ALA D 75 27.81 13.91 29.76
CA ALA D 75 27.48 15.31 29.94
C ALA D 75 28.69 16.21 29.72
N LYS D 76 29.85 15.80 30.24
CA LYS D 76 31.07 16.59 30.08
C LYS D 76 31.46 16.69 28.61
N ILE D 77 31.37 15.59 27.87
CA ILE D 77 31.71 15.61 26.46
C ILE D 77 30.71 16.43 25.66
N ALA D 78 29.43 16.35 26.03
CA ALA D 78 28.42 17.16 25.35
C ALA D 78 28.67 18.64 25.56
N GLU D 79 29.05 19.03 26.79
CA GLU D 79 29.38 20.43 27.04
C GLU D 79 30.65 20.84 26.30
N GLN D 80 31.66 19.96 26.26
CA GLN D 80 32.91 20.28 25.56
C GLN D 80 32.67 20.50 24.08
N GLU D 81 31.88 19.63 23.45
CA GLU D 81 31.54 19.80 22.05
C GLU D 81 30.58 20.95 21.82
N GLY D 82 29.93 21.44 22.87
CA GLY D 82 28.95 22.50 22.73
C GLY D 82 27.62 22.07 22.18
N ILE D 83 27.33 20.77 22.17
CA ILE D 83 26.08 20.25 21.63
C ILE D 83 25.04 20.14 22.74
N ALA D 84 25.37 20.67 23.92
CA ALA D 84 24.45 20.60 25.05
C ALA D 84 23.18 21.41 24.77
N GLU D 85 23.35 22.64 24.28
CA GLU D 85 22.18 23.47 23.99
C GLU D 85 21.35 22.90 22.85
N ASP D 86 22.01 22.42 21.80
CA ASP D 86 21.28 21.92 20.63
C ASP D 86 20.44 20.71 20.98
N GLY D 87 20.99 19.78 21.77
CA GLY D 87 20.27 18.58 22.12
C GLY D 87 20.98 17.32 21.69
N TYR D 88 20.83 16.25 22.46
CA TYR D 88 21.51 14.99 22.16
C TYR D 88 20.68 13.83 22.68
N ARG D 89 20.99 12.63 22.19
CA ARG D 89 20.29 11.43 22.57
C ARG D 89 21.29 10.38 23.05
N LEU D 90 21.03 9.78 24.19
CA LEU D 90 21.86 8.71 24.73
C LEU D 90 21.17 7.38 24.48
N ILE D 91 21.83 6.52 23.71
CA ILE D 91 21.30 5.22 23.32
C ILE D 91 22.23 4.13 23.83
N MET D 92 21.67 3.12 24.48
CA MET D 92 22.44 1.97 24.99
C MET D 92 21.64 0.71 24.66
N ASN D 93 21.92 0.14 23.50
CA ASN D 93 21.22 -1.05 23.03
C ASN D 93 21.85 -2.32 23.61
N THR D 94 21.07 -3.40 23.61
CA THR D 94 21.50 -4.64 24.23
C THR D 94 20.81 -5.82 23.53
N ASN D 95 21.51 -6.96 23.52
CA ASN D 95 20.97 -8.24 23.08
C ASN D 95 20.67 -8.25 21.58
N ARG D 96 19.83 -9.20 21.15
CA ARG D 96 19.64 -9.43 19.72
C ARG D 96 19.05 -8.22 19.03
N HIS D 97 18.07 -7.57 19.64
CA HIS D 97 17.50 -6.38 19.05
C HIS D 97 18.46 -5.20 19.20
N GLY D 98 18.31 -4.22 18.32
CA GLY D 98 19.19 -3.07 18.30
C GLY D 98 20.51 -3.28 17.60
N GLY D 99 20.76 -4.45 17.03
CA GLY D 99 21.99 -4.73 16.33
C GLY D 99 23.23 -4.72 17.21
N GLN D 100 23.14 -5.30 18.40
CA GLN D 100 24.31 -5.38 19.28
C GLN D 100 25.36 -6.31 18.69
N GLU D 101 26.45 -5.73 18.19
CA GLU D 101 27.51 -6.50 17.54
C GLU D 101 28.84 -6.41 18.26
N VAL D 102 28.90 -5.74 19.42
CA VAL D 102 30.15 -5.58 20.14
C VAL D 102 30.13 -6.49 21.36
N TYR D 103 28.94 -6.74 21.91
CA TYR D 103 28.77 -7.50 23.14
C TYR D 103 29.58 -6.89 24.27
N HIS D 104 29.57 -5.56 24.34
CA HIS D 104 30.17 -4.83 25.45
C HIS D 104 29.35 -3.56 25.66
N ILE D 105 29.34 -3.08 26.90
CA ILE D 105 28.56 -1.88 27.22
C ILE D 105 29.11 -0.70 26.43
N ASN D 106 28.28 -0.14 25.56
CA ASN D 106 28.68 0.99 24.71
C ASN D 106 27.53 1.98 24.66
N MET D 107 27.72 3.13 25.31
CA MET D 107 26.72 4.18 25.29
C MET D 107 26.94 5.10 24.09
N HIS D 108 25.86 5.38 23.37
CA HIS D 108 25.91 6.21 22.18
C HIS D 108 25.51 7.64 22.52
N LEU D 109 26.22 8.61 21.96
CA LEU D 109 25.90 10.03 22.13
C LEU D 109 25.71 10.63 20.75
N LEU D 110 24.46 10.85 20.36
CA LEU D 110 24.11 11.37 19.05
C LEU D 110 23.62 12.80 19.19
N GLY D 111 24.13 13.69 18.34
CA GLY D 111 23.75 15.08 18.44
C GLY D 111 24.05 15.84 17.17
N GLY D 112 23.93 17.16 17.27
CA GLY D 112 24.16 18.05 16.15
C GLY D 112 22.96 18.21 15.24
N ARG D 113 22.70 17.22 14.41
CA ARG D 113 21.53 17.26 13.54
C ARG D 113 20.26 17.03 14.37
N PRO D 114 19.15 17.65 13.99
CA PRO D 114 17.88 17.32 14.65
C PRO D 114 17.51 15.86 14.43
N LEU D 115 17.56 15.08 15.49
CA LEU D 115 17.42 13.63 15.38
C LEU D 115 15.96 13.26 15.16
N GLY D 116 15.76 12.00 14.76
CA GLY D 116 14.44 11.51 14.46
C GLY D 116 13.71 10.95 15.67
N PRO D 117 12.66 10.20 15.44
CA PRO D 117 11.88 9.64 16.54
C PRO D 117 12.59 8.48 17.22
N MET D 118 12.11 8.15 18.42
CA MET D 118 12.52 6.93 19.07
C MET D 118 12.09 5.73 18.25
N LEU D 119 12.94 4.70 18.21
CA LEU D 119 12.71 3.51 17.41
C LEU D 119 12.55 3.87 15.93
N ALA D 120 11.90 3.00 15.16
CA ALA D 120 11.72 3.20 13.73
C ALA D 120 10.25 2.92 13.38
N HIS D 121 9.43 3.98 13.46
CA HIS D 121 8.03 3.90 13.07
C HIS D 121 7.47 5.29 12.80
P AMP E . 10.56 12.26 26.65
O1P AMP E . 10.65 13.13 27.87
O2P AMP E . 11.81 11.48 26.35
O5' AMP E . 9.39 11.20 26.90
C5' AMP E . 8.20 11.65 27.56
C4' AMP E . 7.54 10.47 28.24
O4' AMP E . 6.81 10.94 29.40
C3' AMP E . 6.51 9.69 27.42
O3' AMP E . 7.04 8.44 27.01
C2' AMP E . 5.32 9.49 28.37
O2' AMP E . 4.91 8.13 28.44
C1' AMP E . 5.87 9.95 29.71
N9 AMP E . 4.87 10.53 30.58
C8 AMP E . 4.34 11.80 30.53
N7 AMP E . 3.45 12.02 31.46
C5 AMP E . 3.38 10.83 32.17
C6 AMP E . 2.61 10.44 33.27
N6 AMP E . 1.74 11.23 33.89
N1 AMP E . 2.78 9.18 33.74
C2 AMP E . 3.68 8.39 33.11
N3 AMP E . 4.43 8.65 32.07
C4 AMP E . 4.24 9.90 31.63
P AMP F . 26.19 -1.56 18.40
O1P AMP F . 26.03 -0.60 19.54
O2P AMP F . 26.43 -2.97 18.86
O5' AMP F . 27.54 -1.13 17.63
C5' AMP F . 28.44 -0.18 18.25
C4' AMP F . 29.08 0.59 17.14
O4' AMP F . 30.36 1.11 17.55
C3' AMP F . 29.46 -0.20 15.89
O3' AMP F . 28.33 -0.55 15.10
C2' AMP F . 30.36 0.83 15.20
O2' AMP F . 29.65 1.83 14.51
C1' AMP F . 31.10 1.42 16.40
N9 AMP F . 32.45 0.89 16.54
C8 AMP F . 32.83 -0.43 16.49
N7 AMP F . 34.11 -0.61 16.62
C5 AMP F . 34.63 0.67 16.76
C6 AMP F . 35.93 1.15 16.95
N6 AMP F . 37.00 0.36 17.02
N1 AMP F . 36.10 2.48 17.04
C2 AMP F . 35.02 3.26 16.97
N3 AMP F . 33.75 2.93 16.79
C4 AMP F . 33.62 1.60 16.71
#